data_8YKD
#
_entry.id   8YKD
#
_cell.length_a   1.00
_cell.length_b   1.00
_cell.length_c   1.00
_cell.angle_alpha   90.00
_cell.angle_beta   90.00
_cell.angle_gamma   90.00
#
_symmetry.space_group_name_H-M   'P 1'
#
loop_
_entity.id
_entity.type
_entity.pdbx_description
1 polymer 'Guanine nucleotide-binding protein G(s) subunit alpha'
2 polymer 'Guanine nucleotide-binding protein G(I)/G(S)/G(T) subunit beta-1'
3 polymer 'Guanine nucleotide-binding protein subunit gamma'
4 polymer Nanobody-35
5 polymer 'Adhesion G-protein coupled receptor G2'
6 polymer ScFv-16
7 non-polymer 3-BETA-HYDROXY-5-ANDROSTEN-17-ONE
#
loop_
_entity_poly.entity_id
_entity_poly.type
_entity_poly.pdbx_seq_one_letter_code
_entity_poly.pdbx_strand_id
1 'polypeptide(L)'
;MGCTLSAEDKAAVERSKMIEKQLQKDKQVYRATHRLLLLGADNSGKSTIVKQMRIYHVNGYSEEECKQYKAVVYSNTIQS
IIAIIRAMGRLKIDFGDSARADDARQLFVLAGAAEEGFMTAELAGVIKRLWKDSGVQACFNRSREYQLNDSAAYYLNDLD
RIAQPNYIPTQQDVLRTRVKTSGIFETKFQVDKVNFHMFDVGAQRDERRKWIQCFNDVTAIIFVVDSSDYNRLQEALNDF
KSIWNNRWLRTISVILFLNKQDLLAEKVLAGKSKIEDYFPEFARYTTPEDATPEPGEDPRVTRAKYFIRDEFLRISTASG
DGRHYCYPHFTCSVDTENARRIFNDCRDIIQRMHLRQYELL
;
A
2 'polypeptide(L)'
;MHHHHHHLEVLFQGPGSSGSELDQLRQEAEQLKNQIRDARKACADATLSQITNNIDPVGRIQMRTRRTLRGHLAKIYAMH
WGTDSRLLVSASQDGKLIIWDSYTTNKVHAIPLRSSWVMTCAYAPSGNYVACGGLDNICSIYNLKTREGNVRVSRELAGH
TGYLSCCRFLDDNQIVTSSGDTTCALWDIETGQQTTTFTGHTGDVMSLSLAPDTRLFVSGACDASAKLWDVREGMCRQTF
TGHESDINAICFFPNGNAFATGSDDATCRLFDLRADQELMTYSHDNIICGITSVSFSKSGRLLLAGYDDFNCNVWDALKA
DRAGVLAGHDNRVSCLGVTDDGMAVATGSWDSFLKIWN
;
B
3 'polypeptide(L)'
;MWRELPLGLGELHKDHQASRKLEPELWSVSENPPSTSMASNNTASIAQARKLVEQLKMEANIDRIKVSKAAADLMAYCEA
HAKEDPLLTPVPASENPFREKKFFCAIL
;
G
4 'polypeptide(L)'
;QVQLQESGGGLVQPGGSLRLSCAASGFTFSNYKMNWVRQAPGKGLEWVSDISQSGASISYTGSVKGRFTISRDNAKNTLY
LQMNSLKPEDTAVYYCARCPAPFTRDCFDVTSTTYAYRGQGTQVTVSS
;
N
5 'polypeptide(L)'
;MKTIIALSYIFCLVFADYKDDDDKLKENGNSSLLSPSAESSLVSLIPYSNGTPDAASEVLSTLNKTEKSKITIVKTFNAS
GVKSQRNICNLSSLCNDSVFFRGEIVFQHDEDHNVTQNQDTANGTFAGVLSLSELKRSELNKTLQTLSETYFIVCATAEA
QSTVNCTFTVKLNETMNVCAMMVTFQTVQIRPMEQCCCSPRTPCPSSPEELEKLQCELQDPIVCLADQPHGPPLSSSSKP
VVPQATIISHVASDFSLAEPLDHALMTPSTPSLTQESNLPSPQPTIPLASSPATDLPVQSVVVSSLPQTDLSHTLSPVQS
SIPSPTTPAPSVPTELVTISTPPGETVVNTSTVSDLEAQVSQMEKALSLGSLEPNLAGEMVNRVSKLLHSPPALLAPLAQ
RLLKVVDAIGLQLNFSSTTISLTSPSLALAVIRVNASNFNTTTFAAQDPTNLQVSLETPPPENSIGAITLPSSLMNNLPA
NDVELASRIQFNFFETPALFQDPSLENLTLISYVISSSVTNMTIKNLTRNVTVALKHINPSPDDLTVKCVFWDLGRNGGK
GGWSSDGCSVKDKRMNETICTCSALASFGILLDLSRTSLPPSQMMALTFITYIGCGLSSIFLSVTLVTYIAFEKIRRDYP
SKILIQLCAALLLLNLIFLLDSWIALYNTRGFCIAVAVFLHYFLLVSFTWMGLEAFHMYLALVKVFNTYIRKYILKFCIV
GWGIPAVVVSIVLTISPDNYGIGSYGKFPNGTPDDFCWINSNVVFYITVVGYFCVIFLLNVSMFIVVLVQLCRIKKKKQL
GAQRKTSIQDLRSIAGLTFLLGITWGFAFFAWGPVNVTFMYLFAIFNTLQGFFIFIFYCAAKENVRKQWRRYLCCGKLFW
FPEKGAILTDTSVKRNDLSIISG
;
R
6 'polypeptide(L)'
;DVQLVESGGGLVQPGGSRKLSCSASGFAFSSFGMHWVRQAPEKGLEWVAYISSGSGTIYYADTVKGRFTISRDDPKNTLF
LQMTSLRSEDTAMYYCVRSIYYYGSSPFDFWGQGTTLTVSSGGGGSGGGGSGGGSSDIVMTQATSSVPVTPGESVSISCR
SSKSLLHSNGNTYLYWFLQRPGQSPQLLIYRMSNLASGVPDRFSGSGSGTAFTLTISRLEAEDVGVYYCMQHLEYPLTFG
AGTKLELKGS
;
S
#
# COMPACT_ATOMS: atom_id res chain seq x y z
N LEU A 5 -11.73 1.25 -27.97
CA LEU A 5 -10.35 1.68 -27.74
C LEU A 5 -9.67 2.08 -29.04
N SER A 6 -8.84 3.12 -28.96
CA SER A 6 -8.13 3.65 -30.12
C SER A 6 -6.80 2.91 -30.30
N ALA A 7 -5.98 3.40 -31.23
CA ALA A 7 -4.69 2.78 -31.47
C ALA A 7 -3.70 3.05 -30.35
N GLU A 8 -3.72 4.26 -29.79
CA GLU A 8 -2.82 4.56 -28.67
C GLU A 8 -3.36 4.03 -27.35
N ASP A 9 -4.68 3.88 -27.23
CA ASP A 9 -5.24 3.30 -26.02
C ASP A 9 -4.89 1.83 -25.90
N LYS A 10 -4.97 1.08 -27.01
CA LYS A 10 -4.72 -0.36 -26.93
C LYS A 10 -3.24 -0.66 -26.69
N ALA A 11 -2.33 0.22 -27.13
CA ALA A 11 -0.94 0.08 -26.75
C ALA A 11 -0.68 0.53 -25.31
N ALA A 12 -1.53 1.42 -24.78
CA ALA A 12 -1.39 1.83 -23.39
C ALA A 12 -1.91 0.76 -22.43
N VAL A 13 -2.94 0.01 -22.85
CA VAL A 13 -3.39 -1.16 -22.08
C VAL A 13 -2.31 -2.24 -22.08
N GLU A 14 -1.61 -2.41 -23.21
CA GLU A 14 -0.46 -3.31 -23.27
C GLU A 14 0.68 -2.86 -22.36
N ARG A 15 0.95 -1.55 -22.31
CA ARG A 15 2.04 -1.02 -21.48
C ARG A 15 1.73 -1.19 -19.99
N SER A 16 0.45 -1.22 -19.63
CA SER A 16 0.05 -1.69 -18.31
C SER A 16 0.41 -3.15 -18.10
N LYS A 17 0.21 -3.99 -19.13
CA LYS A 17 0.44 -5.43 -18.98
C LYS A 17 1.92 -5.78 -18.91
N MET A 18 2.80 -5.00 -19.55
CA MET A 18 4.22 -5.18 -19.28
C MET A 18 4.61 -4.68 -17.88
N ILE A 19 3.84 -3.75 -17.32
CA ILE A 19 4.07 -3.37 -15.93
C ILE A 19 3.43 -4.40 -14.98
N GLU A 20 2.37 -5.09 -15.42
CA GLU A 20 1.92 -6.31 -14.72
C GLU A 20 3.02 -7.39 -14.74
N LYS A 21 3.67 -7.57 -15.90
CA LYS A 21 4.70 -8.60 -16.02
C LYS A 21 5.94 -8.29 -15.21
N GLN A 22 6.28 -7.00 -15.07
CA GLN A 22 7.40 -6.62 -14.22
C GLN A 22 7.05 -6.74 -12.74
N LEU A 23 5.84 -6.31 -12.35
CA LEU A 23 5.45 -6.39 -10.95
C LEU A 23 5.11 -7.80 -10.49
N GLN A 24 4.62 -8.69 -11.36
CA GLN A 24 4.52 -10.10 -10.97
C GLN A 24 5.89 -10.74 -10.84
N LYS A 25 6.89 -10.27 -11.60
CA LYS A 25 8.26 -10.71 -11.37
C LYS A 25 8.80 -10.17 -10.05
N ASP A 26 8.43 -8.94 -9.71
CA ASP A 26 8.85 -8.37 -8.44
C ASP A 26 8.03 -8.89 -7.27
N LYS A 27 6.86 -9.48 -7.54
CA LYS A 27 6.10 -10.16 -6.49
C LYS A 27 6.73 -11.49 -6.14
N GLN A 28 7.42 -12.11 -7.11
CA GLN A 28 8.24 -13.29 -6.84
C GLN A 28 9.39 -12.95 -5.90
N VAL A 29 10.01 -11.79 -6.09
CA VAL A 29 11.09 -11.34 -5.20
C VAL A 29 10.54 -10.98 -3.82
N TYR A 30 9.40 -10.29 -3.78
CA TYR A 30 8.89 -9.71 -2.54
C TYR A 30 8.33 -10.77 -1.60
N ARG A 31 7.57 -11.73 -2.14
CA ARG A 31 7.07 -12.82 -1.31
C ARG A 31 8.16 -13.79 -0.86
N ALA A 32 9.26 -13.92 -1.60
CA ALA A 32 10.32 -14.83 -1.22
C ALA A 32 11.33 -14.19 -0.29
N THR A 33 11.26 -12.89 -0.06
CA THR A 33 12.05 -12.22 0.97
C THR A 33 11.12 -11.92 2.14
N HIS A 34 11.68 -11.97 3.34
CA HIS A 34 10.88 -11.82 4.55
C HIS A 34 11.45 -10.65 5.33
N ARG A 35 10.64 -9.62 5.50
CA ARG A 35 11.08 -8.41 6.18
C ARG A 35 11.01 -8.61 7.68
N LEU A 36 12.09 -8.29 8.36
CA LEU A 36 12.17 -8.41 9.82
C LEU A 36 12.64 -7.09 10.41
N LEU A 37 12.02 -6.69 11.51
CA LEU A 37 12.31 -5.41 12.17
C LEU A 37 13.23 -5.66 13.36
N LEU A 38 14.45 -5.15 13.26
CA LEU A 38 15.39 -5.17 14.38
C LEU A 38 15.15 -3.92 15.21
N LEU A 39 14.49 -4.08 16.36
CA LEU A 39 14.21 -2.97 17.25
C LEU A 39 14.67 -3.36 18.66
N GLY A 40 15.76 -2.76 19.11
CA GLY A 40 16.29 -3.00 20.44
C GLY A 40 16.88 -1.71 20.98
N ALA A 41 17.36 -1.78 22.22
CA ALA A 41 17.89 -0.60 22.87
C ALA A 41 19.35 -0.40 22.52
N ASP A 42 19.88 0.77 22.92
CA ASP A 42 21.25 1.15 22.58
C ASP A 42 22.27 0.36 23.40
N ASN A 43 21.95 0.05 24.67
CA ASN A 43 22.85 -0.71 25.52
C ASN A 43 23.02 -2.16 25.05
N SER A 44 21.98 -2.70 24.40
CA SER A 44 22.00 -4.07 23.93
C SER A 44 22.94 -4.23 22.74
N GLY A 45 23.28 -5.48 22.45
CA GLY A 45 24.15 -5.79 21.33
C GLY A 45 23.47 -5.84 19.98
N LYS A 46 22.67 -4.82 19.67
CA LYS A 46 21.89 -4.75 18.44
C LYS A 46 22.79 -4.66 17.21
N SER A 47 23.86 -3.88 17.30
CA SER A 47 24.82 -3.78 16.21
C SER A 47 25.65 -5.05 16.05
N THR A 48 25.85 -5.78 17.17
CA THR A 48 26.59 -7.04 17.10
C THR A 48 25.77 -8.12 16.39
N ILE A 49 24.46 -8.14 16.63
CA ILE A 49 23.54 -9.04 15.94
C ILE A 49 23.45 -8.69 14.45
N VAL A 50 23.66 -7.41 14.10
CA VAL A 50 23.92 -7.06 12.70
C VAL A 50 25.22 -7.68 12.22
N LYS A 51 26.30 -7.48 12.99
CA LYS A 51 27.66 -7.75 12.52
C LYS A 51 27.96 -9.25 12.40
N GLN A 52 27.57 -10.03 13.42
CA GLN A 52 27.84 -11.47 13.44
C GLN A 52 27.10 -12.22 12.34
N MET A 53 25.84 -11.85 12.10
CA MET A 53 25.00 -12.56 11.13
C MET A 53 25.41 -12.29 9.69
N ARG A 54 25.80 -11.03 9.38
CA ARG A 54 26.07 -10.68 7.98
C ARG A 54 27.40 -11.26 7.49
N ILE A 55 28.39 -11.42 8.38
CA ILE A 55 29.63 -12.10 8.02
C ILE A 55 29.37 -13.58 7.77
N TYR A 56 28.55 -14.20 8.63
CA TYR A 56 28.23 -15.62 8.47
C TYR A 56 27.37 -15.87 7.23
N HIS A 57 26.34 -15.06 7.02
CA HIS A 57 25.53 -15.18 5.81
C HIS A 57 25.30 -13.82 5.17
N SER A 182 21.35 8.03 6.80
CA SER A 182 20.34 7.08 6.39
C SER A 182 19.55 6.57 7.61
N GLY A 183 18.23 6.71 7.55
CA GLY A 183 17.39 6.29 8.65
C GLY A 183 17.07 4.82 8.70
N ILE A 184 17.37 4.07 7.65
CA ILE A 184 17.20 2.62 7.63
C ILE A 184 18.49 2.00 7.12
N PHE A 185 19.07 1.10 7.91
CA PHE A 185 20.04 0.15 7.41
C PHE A 185 19.35 -1.16 7.09
N GLU A 186 19.90 -1.90 6.15
CA GLU A 186 19.27 -3.13 5.66
C GLU A 186 20.29 -4.24 5.63
N THR A 187 20.03 -5.29 6.41
CA THR A 187 20.88 -6.47 6.46
C THR A 187 20.15 -7.64 5.84
N LYS A 188 20.77 -8.27 4.84
CA LYS A 188 20.23 -9.42 4.13
C LYS A 188 21.10 -10.62 4.42
N PHE A 189 20.49 -11.72 4.89
CA PHE A 189 21.22 -12.94 5.10
C PHE A 189 20.40 -14.08 4.49
N GLN A 190 21.09 -15.10 4.00
CA GLN A 190 20.44 -16.24 3.37
C GLN A 190 20.80 -17.50 4.13
N VAL A 191 19.79 -18.15 4.71
CA VAL A 191 19.93 -19.46 5.36
C VAL A 191 18.93 -20.44 4.76
N ASP A 192 19.45 -21.57 4.25
CA ASP A 192 18.71 -22.61 3.52
C ASP A 192 17.92 -22.04 2.34
N LYS A 193 18.64 -21.29 1.50
CA LYS A 193 18.25 -20.74 0.19
C LYS A 193 17.15 -19.70 0.23
N VAL A 194 16.75 -19.21 1.41
CA VAL A 194 15.65 -18.27 1.48
C VAL A 194 16.18 -16.91 1.92
N ASN A 195 15.45 -15.86 1.55
CA ASN A 195 15.91 -14.50 1.76
C ASN A 195 15.32 -13.93 3.05
N PHE A 196 16.07 -13.03 3.67
CA PHE A 196 15.71 -12.48 4.98
C PHE A 196 16.25 -11.05 5.07
N HIS A 197 15.39 -10.09 4.78
CA HIS A 197 15.71 -8.69 5.02
C HIS A 197 15.60 -8.38 6.51
N MET A 198 16.55 -7.60 7.02
CA MET A 198 16.47 -7.11 8.39
C MET A 198 16.73 -5.62 8.40
N PHE A 199 15.82 -4.86 8.99
CA PHE A 199 15.89 -3.41 9.06
C PHE A 199 15.95 -2.92 10.49
N ASP A 200 16.87 -1.98 10.71
CA ASP A 200 16.98 -1.34 12.00
C ASP A 200 17.01 0.15 11.68
N VAL A 201 16.71 1.00 12.64
CA VAL A 201 16.64 2.44 12.44
C VAL A 201 17.93 3.10 12.89
N GLY A 202 18.29 4.17 12.17
CA GLY A 202 19.48 4.95 12.44
C GLY A 202 19.14 6.33 12.96
N ALA A 203 19.02 7.29 12.04
CA ALA A 203 18.77 8.70 12.32
C ALA A 203 17.35 9.02 12.76
N GLN A 204 16.48 8.03 12.95
CA GLN A 204 15.14 8.26 13.49
C GLN A 204 15.19 8.73 14.94
N ARG A 205 14.23 9.59 15.30
CA ARG A 205 14.17 10.10 16.65
C ARG A 205 13.61 9.06 17.62
N ASP A 206 13.70 9.40 18.91
CA ASP A 206 13.28 8.51 19.98
C ASP A 206 11.76 8.43 20.14
N GLU A 207 11.01 9.34 19.52
CA GLU A 207 9.56 9.17 19.42
C GLU A 207 9.23 8.04 18.45
N ARG A 208 8.50 7.04 18.92
CA ARG A 208 8.33 5.80 18.17
C ARG A 208 6.84 5.42 18.15
N ARG A 209 5.99 6.28 17.60
CA ARG A 209 4.59 5.90 17.48
C ARG A 209 4.02 6.06 16.08
N LYS A 210 4.67 6.82 15.22
CA LYS A 210 4.17 7.02 13.87
C LYS A 210 4.95 6.23 12.81
N TRP A 211 6.26 6.11 12.96
CA TRP A 211 7.03 5.31 12.01
C TRP A 211 6.99 3.83 12.30
N ILE A 212 6.54 3.43 13.49
CA ILE A 212 6.48 2.01 13.83
C ILE A 212 5.31 1.33 13.12
N GLN A 213 4.32 2.10 12.67
CA GLN A 213 3.18 1.57 11.93
C GLN A 213 3.54 1.12 10.52
N CYS A 214 4.68 1.58 9.99
CA CYS A 214 5.15 1.13 8.68
C CYS A 214 5.56 -0.33 8.69
N PHE A 215 6.04 -0.82 9.82
CA PHE A 215 6.44 -2.20 9.96
C PHE A 215 5.28 -3.04 10.50
N ASN A 216 4.12 -2.99 9.86
CA ASN A 216 2.98 -3.75 10.33
C ASN A 216 2.83 -5.09 9.62
N ASP A 217 3.52 -5.28 8.50
CA ASP A 217 3.42 -6.50 7.70
C ASP A 217 4.75 -7.22 7.63
N VAL A 218 5.67 -6.91 8.55
CA VAL A 218 6.92 -7.62 8.64
C VAL A 218 6.68 -9.02 9.21
N THR A 219 7.58 -9.95 8.88
CA THR A 219 7.42 -11.34 9.30
C THR A 219 7.61 -11.48 10.80
N ALA A 220 8.62 -10.81 11.36
CA ALA A 220 8.91 -10.92 12.78
C ALA A 220 9.61 -9.66 13.24
N ILE A 221 9.68 -9.50 14.55
CA ILE A 221 10.38 -8.40 15.19
C ILE A 221 11.47 -8.98 16.08
N ILE A 222 12.71 -8.59 15.84
CA ILE A 222 13.81 -8.99 16.71
C ILE A 222 13.92 -7.95 17.81
N PHE A 223 13.64 -8.35 19.05
CA PHE A 223 13.76 -7.47 20.20
C PHE A 223 14.98 -7.93 21.01
N VAL A 224 16.12 -7.33 20.69
CA VAL A 224 17.37 -7.63 21.38
C VAL A 224 17.37 -6.93 22.73
N VAL A 225 17.69 -7.69 23.79
CA VAL A 225 17.66 -7.20 25.17
C VAL A 225 19.07 -7.32 25.75
N ASP A 226 19.52 -6.26 26.42
CA ASP A 226 20.69 -6.35 27.28
C ASP A 226 20.21 -6.92 28.60
N SER A 227 20.24 -8.25 28.71
CA SER A 227 19.74 -8.92 29.90
C SER A 227 20.71 -8.77 31.08
N SER A 228 21.99 -8.50 30.79
CA SER A 228 23.02 -8.41 31.82
C SER A 228 22.83 -7.21 32.74
N ASP A 229 22.59 -6.04 32.16
CA ASP A 229 22.24 -4.85 32.95
C ASP A 229 20.87 -5.05 33.58
N TYR A 230 20.62 -4.39 34.71
CA TYR A 230 19.34 -4.52 35.39
C TYR A 230 18.59 -3.21 35.59
N ASN A 231 19.24 -2.06 35.46
CA ASN A 231 18.55 -0.78 35.62
C ASN A 231 17.80 -0.36 34.37
N ARG A 232 17.97 -1.09 33.26
CA ARG A 232 17.31 -0.78 32.01
C ARG A 232 16.55 -1.95 31.41
N LEU A 233 16.34 -3.04 32.17
CA LEU A 233 15.44 -4.09 31.74
C LEU A 233 14.00 -3.62 31.66
N GLN A 234 13.54 -2.90 32.70
CA GLN A 234 12.12 -2.56 32.80
C GLN A 234 11.73 -1.53 31.75
N GLU A 235 12.69 -0.69 31.32
CA GLU A 235 12.51 0.16 30.16
C GLU A 235 12.33 -0.68 28.89
N ALA A 236 13.06 -1.80 28.78
CA ALA A 236 12.87 -2.70 27.64
C ALA A 236 11.56 -3.50 27.76
N LEU A 237 11.13 -3.81 28.99
CA LEU A 237 9.81 -4.43 29.16
C LEU A 237 8.67 -3.49 28.77
N ASN A 238 8.77 -2.20 29.14
CA ASN A 238 7.74 -1.24 28.73
C ASN A 238 7.81 -0.95 27.24
N ASP A 239 9.00 -1.03 26.65
CA ASP A 239 9.11 -1.08 25.20
C ASP A 239 8.43 -2.33 24.64
N PHE A 240 8.59 -3.47 25.31
CA PHE A 240 8.00 -4.71 24.83
C PHE A 240 6.49 -4.75 25.03
N LYS A 241 5.97 -4.08 26.06
CA LYS A 241 4.51 -3.97 26.23
C LYS A 241 3.90 -3.12 25.12
N SER A 242 4.62 -2.09 24.70
CA SER A 242 4.10 -1.16 23.69
C SER A 242 4.02 -1.81 22.32
N ILE A 243 5.03 -2.60 21.94
CA ILE A 243 5.03 -3.26 20.64
C ILE A 243 4.02 -4.39 20.59
N TRP A 244 3.92 -5.16 21.68
CA TRP A 244 3.10 -6.38 21.68
C TRP A 244 1.61 -6.07 21.66
N ASN A 245 1.19 -4.93 22.21
CA ASN A 245 -0.22 -4.64 22.38
C ASN A 245 -0.77 -3.67 21.34
N ASN A 246 0.09 -3.09 20.48
CA ASN A 246 -0.29 -2.03 19.56
C ASN A 246 -1.26 -2.58 18.51
N ARG A 247 -2.22 -1.73 18.12
CA ARG A 247 -3.30 -2.14 17.24
C ARG A 247 -2.86 -2.41 15.81
N TRP A 248 -1.67 -1.98 15.41
CA TRP A 248 -1.16 -2.30 14.09
C TRP A 248 0.05 -3.22 14.14
N LEU A 249 0.72 -3.29 15.29
CA LEU A 249 1.82 -4.21 15.50
C LEU A 249 1.35 -5.55 16.03
N ARG A 250 0.05 -5.69 16.29
CA ARG A 250 -0.57 -6.99 16.51
C ARG A 250 -0.59 -7.77 15.19
N THR A 251 -0.63 -9.11 15.31
CA THR A 251 -0.49 -10.22 14.35
C THR A 251 1.00 -10.39 13.94
N ILE A 252 1.90 -9.57 14.47
CA ILE A 252 3.33 -9.73 14.25
C ILE A 252 3.93 -10.39 15.47
N SER A 253 4.58 -11.51 15.23
CA SER A 253 5.30 -12.25 16.24
C SER A 253 6.63 -11.59 16.55
N VAL A 254 7.12 -11.78 17.77
CA VAL A 254 8.39 -11.22 18.21
C VAL A 254 9.38 -12.36 18.42
N ILE A 255 10.50 -12.30 17.72
CA ILE A 255 11.64 -13.17 18.00
C ILE A 255 12.45 -12.45 19.07
N LEU A 256 12.30 -12.89 20.31
CA LEU A 256 12.97 -12.25 21.43
C LEU A 256 14.38 -12.80 21.55
N PHE A 257 15.38 -11.96 21.37
CA PHE A 257 16.76 -12.33 21.64
C PHE A 257 17.17 -11.69 22.96
N LEU A 258 17.63 -12.51 23.90
CA LEU A 258 18.10 -12.02 25.19
C LEU A 258 19.62 -12.08 25.18
N ASN A 259 20.23 -11.01 24.68
CA ASN A 259 21.68 -10.96 24.51
C ASN A 259 22.39 -10.74 25.84
N LYS A 260 23.73 -10.69 25.75
CA LYS A 260 24.67 -10.52 26.86
C LYS A 260 24.51 -11.60 27.94
N GLN A 261 24.28 -12.84 27.51
CA GLN A 261 24.20 -13.94 28.45
C GLN A 261 25.55 -14.26 29.07
N ASP A 262 26.64 -14.02 28.33
CA ASP A 262 27.97 -14.29 28.85
C ASP A 262 28.35 -13.32 29.96
N LEU A 263 27.96 -12.05 29.84
CA LEU A 263 28.31 -11.09 30.89
C LEU A 263 27.33 -11.20 32.06
N LEU A 264 26.10 -11.66 31.77
CA LEU A 264 25.16 -12.03 32.83
C LEU A 264 25.68 -13.21 33.64
N ALA A 265 26.34 -14.17 32.98
CA ALA A 265 26.94 -15.31 33.67
C ALA A 265 28.07 -14.88 34.60
N GLU A 266 28.88 -13.91 34.17
CA GLU A 266 29.95 -13.40 35.02
C GLU A 266 29.40 -12.57 36.18
N LYS A 267 28.30 -11.87 35.96
CA LYS A 267 27.77 -10.95 36.98
C LYS A 267 27.10 -11.69 38.13
N VAL A 268 26.35 -12.75 37.83
CA VAL A 268 25.64 -13.50 38.87
C VAL A 268 26.62 -14.31 39.71
N LEU A 269 27.64 -14.90 39.08
CA LEU A 269 28.72 -15.57 39.82
C LEU A 269 29.54 -14.59 40.66
N ALA A 270 29.68 -13.34 40.20
CA ALA A 270 30.25 -12.31 41.05
C ALA A 270 29.29 -11.92 42.16
N GLY A 271 28.01 -11.78 41.84
CA GLY A 271 27.00 -11.47 42.84
C GLY A 271 26.93 -10.03 43.27
N LYS A 272 27.50 -9.11 42.48
CA LYS A 272 27.52 -7.70 42.86
C LYS A 272 26.15 -7.06 42.74
N SER A 273 25.44 -7.34 41.66
CA SER A 273 24.16 -6.70 41.36
C SER A 273 23.02 -7.62 41.81
N LYS A 274 22.22 -7.15 42.75
CA LYS A 274 21.09 -7.90 43.26
C LYS A 274 19.85 -7.56 42.45
N ILE A 275 19.33 -8.56 41.73
CA ILE A 275 18.10 -8.51 40.94
C ILE A 275 16.89 -8.15 41.81
N GLU A 276 16.92 -8.59 43.08
CA GLU A 276 15.83 -8.38 44.03
C GLU A 276 15.56 -6.91 44.35
N ASP A 277 16.57 -6.04 44.18
CA ASP A 277 16.35 -4.60 44.35
C ASP A 277 15.44 -4.05 43.25
N TYR A 278 15.77 -4.34 41.99
CA TYR A 278 14.98 -3.82 40.88
C TYR A 278 13.67 -4.57 40.72
N PHE A 279 13.70 -5.89 40.82
CA PHE A 279 12.50 -6.69 40.73
C PHE A 279 12.22 -7.39 42.06
N PRO A 280 11.22 -6.94 42.87
CA PRO A 280 10.87 -7.62 44.12
C PRO A 280 9.89 -8.78 43.96
N GLU A 281 10.12 -9.62 42.94
CA GLU A 281 9.43 -10.88 42.75
C GLU A 281 10.41 -11.98 42.35
N PHE A 282 11.70 -11.72 42.52
CA PHE A 282 12.75 -12.71 42.37
C PHE A 282 12.97 -13.50 43.64
N ALA A 283 12.31 -13.10 44.74
CA ALA A 283 12.42 -13.80 46.02
C ALA A 283 11.45 -14.98 46.09
N ARG A 284 10.23 -14.80 45.60
CA ARG A 284 9.21 -15.84 45.62
C ARG A 284 9.14 -16.61 44.30
N TYR A 285 10.26 -16.69 43.60
CA TYR A 285 10.35 -17.31 42.29
C TYR A 285 11.22 -18.55 42.41
N THR A 286 10.93 -19.53 41.55
CA THR A 286 11.76 -20.71 41.40
C THR A 286 11.91 -21.01 39.92
N THR A 287 12.95 -21.77 39.57
CA THR A 287 13.21 -22.10 38.18
C THR A 287 12.13 -23.05 37.66
N PRO A 288 11.69 -22.90 36.41
CA PRO A 288 10.63 -23.75 35.88
C PRO A 288 11.09 -25.18 35.64
N GLU A 289 10.13 -26.10 35.67
CA GLU A 289 10.42 -27.52 35.47
C GLU A 289 10.74 -27.84 34.01
N ASP A 290 10.28 -27.01 33.07
CA ASP A 290 10.56 -27.22 31.66
C ASP A 290 11.80 -26.47 31.19
N ALA A 291 12.64 -26.01 32.11
CA ALA A 291 13.85 -25.29 31.75
C ALA A 291 14.90 -26.24 31.18
N THR A 292 15.77 -25.67 30.34
CA THR A 292 16.83 -26.44 29.68
C THR A 292 18.20 -25.78 29.92
N PRO A 293 18.82 -26.08 31.07
CA PRO A 293 20.14 -25.51 31.37
C PRO A 293 21.23 -26.18 30.55
N GLU A 294 22.05 -25.34 29.89
CA GLU A 294 23.23 -25.81 29.19
C GLU A 294 24.27 -26.33 30.20
N PRO A 295 25.06 -27.35 29.82
CA PRO A 295 25.96 -28.00 30.79
C PRO A 295 27.08 -27.10 31.29
N GLY A 296 27.42 -27.25 32.57
CA GLY A 296 28.33 -26.34 33.23
C GLY A 296 27.77 -24.96 33.44
N GLU A 297 26.54 -24.89 33.98
CA GLU A 297 25.90 -23.64 34.34
C GLU A 297 25.48 -23.71 35.80
N ASP A 298 25.80 -22.66 36.55
CA ASP A 298 25.45 -22.60 37.96
C ASP A 298 23.93 -22.40 38.09
N PRO A 299 23.30 -22.96 39.12
CA PRO A 299 21.84 -22.78 39.30
C PRO A 299 21.37 -21.36 39.53
N ARG A 300 22.20 -20.47 40.10
CA ARG A 300 21.79 -19.08 40.27
C ARG A 300 21.74 -18.34 38.93
N VAL A 301 22.64 -18.71 38.01
CA VAL A 301 22.65 -18.12 36.67
C VAL A 301 21.40 -18.53 35.90
N THR A 302 21.05 -19.82 35.99
CA THR A 302 19.85 -20.36 35.33
C THR A 302 18.58 -19.77 35.93
N ARG A 303 18.57 -19.57 37.25
CA ARG A 303 17.48 -18.85 37.92
C ARG A 303 17.42 -17.40 37.45
N ALA A 304 18.57 -16.76 37.28
CA ALA A 304 18.60 -15.39 36.76
C ALA A 304 18.23 -15.34 35.28
N LYS A 305 18.61 -16.38 34.51
CA LYS A 305 18.32 -16.42 33.08
C LYS A 305 16.82 -16.52 32.81
N TYR A 306 16.17 -17.51 33.44
CA TYR A 306 14.78 -17.78 33.14
C TYR A 306 13.82 -16.83 33.81
N PHE A 307 14.28 -16.07 34.81
CA PHE A 307 13.44 -15.01 35.39
C PHE A 307 13.18 -13.90 34.39
N ILE A 308 14.23 -13.51 33.65
CA ILE A 308 14.13 -12.41 32.69
C ILE A 308 13.23 -12.81 31.53
N ARG A 309 13.26 -14.08 31.16
CA ARG A 309 12.36 -14.63 30.16
C ARG A 309 10.90 -14.60 30.63
N ASP A 310 10.65 -15.02 31.88
CA ASP A 310 9.28 -15.08 32.38
C ASP A 310 8.71 -13.69 32.68
N GLU A 311 9.57 -12.70 32.97
CA GLU A 311 9.13 -11.32 32.97
C GLU A 311 8.75 -10.87 31.56
N PHE A 312 9.47 -11.36 30.56
CA PHE A 312 9.18 -10.99 29.19
C PHE A 312 8.07 -11.83 28.57
N LEU A 313 7.71 -12.98 29.16
CA LEU A 313 6.65 -13.78 28.57
C LEU A 313 5.29 -13.60 29.21
N ARG A 314 5.19 -13.15 30.46
CA ARG A 314 3.86 -12.84 30.98
C ARG A 314 3.34 -11.51 30.47
N ILE A 315 4.19 -10.67 29.86
CA ILE A 315 3.71 -9.59 29.03
C ILE A 315 3.04 -10.16 27.78
N SER A 316 3.70 -11.11 27.11
CA SER A 316 3.22 -11.58 25.82
C SER A 316 2.03 -12.51 25.97
N THR A 317 2.03 -13.36 27.00
CA THR A 317 0.92 -14.28 27.22
C THR A 317 -0.14 -13.70 28.16
N ALA A 318 -0.53 -12.46 27.90
CA ALA A 318 -1.66 -11.85 28.59
C ALA A 318 -2.57 -11.05 27.67
N SER A 319 -2.15 -10.69 26.47
CA SER A 319 -2.95 -9.86 25.57
C SER A 319 -2.93 -10.31 24.12
N GLY A 320 -2.07 -11.25 23.74
CA GLY A 320 -2.02 -11.71 22.35
C GLY A 320 -3.29 -12.44 21.91
N ASP A 321 -3.80 -13.33 22.78
CA ASP A 321 -5.01 -14.14 22.58
C ASP A 321 -4.95 -15.00 21.32
N GLY A 322 -3.78 -15.58 21.07
CA GLY A 322 -3.56 -16.39 19.88
C GLY A 322 -3.58 -15.63 18.58
N ARG A 323 -3.00 -14.42 18.58
CA ARG A 323 -2.81 -13.66 17.36
C ARG A 323 -1.36 -13.53 16.95
N HIS A 324 -0.42 -13.61 17.91
CA HIS A 324 1.00 -13.53 17.65
C HIS A 324 1.73 -14.14 18.84
N TYR A 325 2.97 -14.59 18.59
CA TYR A 325 3.68 -15.44 19.52
C TYR A 325 5.08 -14.88 19.81
N CYS A 326 5.56 -15.12 21.01
CA CYS A 326 6.89 -14.67 21.41
C CYS A 326 7.85 -15.85 21.40
N TYR A 327 9.04 -15.64 20.84
CA TYR A 327 10.05 -16.68 20.74
C TYR A 327 11.30 -16.23 21.49
N PRO A 328 11.45 -16.58 22.77
CA PRO A 328 12.62 -16.13 23.52
C PRO A 328 13.83 -17.04 23.33
N HIS A 329 15.00 -16.43 23.20
CA HIS A 329 16.25 -17.15 23.00
C HIS A 329 17.36 -16.52 23.83
N PHE A 330 18.12 -17.36 24.52
CA PHE A 330 19.28 -16.93 25.29
C PHE A 330 20.50 -16.95 24.37
N THR A 331 20.93 -15.77 23.93
CA THR A 331 21.99 -15.67 22.93
C THR A 331 23.24 -15.02 23.52
N CYS A 332 24.39 -15.49 23.09
CA CYS A 332 25.66 -14.85 23.36
C CYS A 332 25.88 -13.74 22.34
N SER A 333 26.83 -12.84 22.65
CA SER A 333 27.17 -11.76 21.74
C SER A 333 27.76 -12.27 20.42
N VAL A 334 28.79 -13.12 20.51
CA VAL A 334 29.50 -13.59 19.32
C VAL A 334 28.99 -14.95 18.84
N ASP A 335 27.80 -15.36 19.26
CA ASP A 335 27.16 -16.60 18.82
C ASP A 335 26.92 -16.56 17.31
N THR A 336 27.19 -17.68 16.65
CA THR A 336 27.11 -17.81 15.20
C THR A 336 25.92 -18.67 14.77
N GLU A 337 24.83 -18.65 15.52
CA GLU A 337 23.71 -19.53 15.27
C GLU A 337 22.40 -18.72 15.24
N ASN A 338 22.50 -17.38 15.38
CA ASN A 338 21.33 -16.49 15.44
C ASN A 338 20.56 -16.44 14.12
N ALA A 339 21.23 -16.71 13.00
CA ALA A 339 20.52 -16.85 11.74
C ALA A 339 19.65 -18.10 11.71
N ARG A 340 20.16 -19.20 12.28
CA ARG A 340 19.38 -20.44 12.37
C ARG A 340 18.24 -20.29 13.36
N ARG A 341 18.46 -19.53 14.44
CA ARG A 341 17.41 -19.28 15.44
C ARG A 341 16.27 -18.45 14.85
N ILE A 342 16.61 -17.47 14.01
CA ILE A 342 15.59 -16.69 13.32
C ILE A 342 14.83 -17.55 12.30
N PHE A 343 15.56 -18.37 11.54
CA PHE A 343 14.98 -19.21 10.50
C PHE A 343 14.06 -20.28 11.06
N ASN A 344 14.44 -20.86 12.20
CA ASN A 344 13.57 -21.83 12.87
C ASN A 344 12.33 -21.16 13.43
N ASP A 345 12.47 -19.94 13.95
CA ASP A 345 11.29 -19.21 14.41
C ASP A 345 10.44 -18.73 13.25
N CYS A 346 11.06 -18.23 12.17
CA CYS A 346 10.30 -17.72 11.03
C CYS A 346 9.60 -18.83 10.27
N ARG A 347 10.14 -20.05 10.32
CA ARG A 347 9.41 -21.20 9.79
C ARG A 347 8.14 -21.46 10.60
N ASP A 348 8.18 -21.28 11.91
CA ASP A 348 6.97 -21.49 12.69
C ASP A 348 5.94 -20.40 12.42
N ILE A 349 6.40 -19.17 12.26
CA ILE A 349 5.47 -18.04 12.08
C ILE A 349 4.63 -18.21 10.81
N ILE A 350 5.29 -18.54 9.70
CA ILE A 350 4.56 -18.73 8.45
C ILE A 350 3.80 -20.06 8.44
N GLN A 351 4.21 -21.03 9.27
CA GLN A 351 3.37 -22.19 9.52
C GLN A 351 2.08 -21.81 10.23
N ARG A 352 2.17 -21.02 11.32
CA ARG A 352 0.99 -20.61 12.08
C ARG A 352 0.05 -19.72 11.27
N MET A 353 0.61 -18.87 10.41
CA MET A 353 -0.21 -18.03 9.53
C MET A 353 -0.99 -18.88 8.52
N HIS A 354 -0.38 -19.96 8.04
CA HIS A 354 -1.06 -20.87 7.11
C HIS A 354 -2.14 -21.70 7.80
N LEU A 355 -1.95 -22.04 9.09
CA LEU A 355 -3.00 -22.74 9.83
C LEU A 355 -4.21 -21.84 10.08
N ARG A 356 -3.99 -20.52 10.23
CA ARG A 356 -5.09 -19.59 10.41
C ARG A 356 -5.88 -19.38 9.12
N GLN A 357 -5.22 -19.62 7.98
CA GLN A 357 -5.90 -19.58 6.70
C GLN A 357 -6.88 -20.73 6.51
N TYR A 358 -6.71 -21.82 7.25
CA TYR A 358 -7.73 -22.86 7.40
C TYR A 358 -8.43 -22.79 8.75
N GLU A 359 -8.12 -21.76 9.56
CA GLU A 359 -8.60 -21.56 10.93
C GLU A 359 -8.29 -22.75 11.84
N LEU A 360 -7.13 -23.37 11.64
CA LEU A 360 -6.71 -24.48 12.48
C LEU A 360 -6.31 -24.00 13.86
N LEU A 361 -5.71 -22.82 13.96
CA LEU A 361 -5.38 -22.24 15.25
C LEU A 361 -6.50 -21.34 15.76
N LEU B 22 14.75 31.24 34.54
CA LEU B 22 13.95 30.52 33.56
C LEU B 22 12.46 30.64 33.89
N ASP B 23 12.15 30.78 35.18
CA ASP B 23 10.76 30.83 35.60
C ASP B 23 10.09 32.16 35.25
N GLN B 24 10.89 33.22 35.06
CA GLN B 24 10.33 34.48 34.55
C GLN B 24 9.91 34.32 33.09
N LEU B 25 10.64 33.50 32.34
CA LEU B 25 10.34 33.23 30.94
C LEU B 25 9.06 32.42 30.79
N ARG B 26 8.93 31.35 31.59
CA ARG B 26 7.83 30.41 31.46
C ARG B 26 6.50 31.03 31.89
N GLN B 27 6.51 31.84 32.96
CA GLN B 27 5.29 32.48 33.44
C GLN B 27 4.82 33.56 32.47
N GLU B 28 5.77 34.28 31.85
CA GLU B 28 5.52 35.18 30.74
C GLU B 28 4.92 34.43 29.55
N ALA B 29 5.38 33.21 29.30
CA ALA B 29 4.84 32.41 28.22
C ALA B 29 3.42 31.96 28.50
N GLU B 30 3.08 31.69 29.76
CA GLU B 30 1.71 31.31 30.11
C GLU B 30 0.74 32.50 29.99
N GLN B 31 1.18 33.70 30.37
CA GLN B 31 0.26 34.82 30.28
C GLN B 31 0.12 35.33 28.84
N LEU B 32 1.08 35.02 27.97
CA LEU B 32 0.83 35.17 26.54
C LEU B 32 -0.21 34.17 26.04
N LYS B 33 -0.16 32.92 26.54
CA LYS B 33 -1.23 31.95 26.24
C LYS B 33 -2.57 32.39 26.82
N ASN B 34 -2.54 33.02 28.00
CA ASN B 34 -3.77 33.56 28.58
C ASN B 34 -4.28 34.76 27.79
N GLN B 35 -3.38 35.58 27.25
CA GLN B 35 -3.77 36.75 26.46
C GLN B 35 -4.38 36.33 25.12
N ILE B 36 -3.82 35.28 24.51
CA ILE B 36 -4.33 34.75 23.24
C ILE B 36 -5.71 34.14 23.44
N ARG B 37 -5.87 33.33 24.49
CA ARG B 37 -7.12 32.61 24.75
C ARG B 37 -8.25 33.57 25.12
N ASP B 38 -7.93 34.64 25.86
CA ASP B 38 -8.92 35.68 26.11
C ASP B 38 -9.24 36.46 24.85
N ALA B 39 -8.26 36.63 23.95
CA ALA B 39 -8.53 37.30 22.68
C ALA B 39 -9.39 36.42 21.77
N ARG B 40 -9.15 35.11 21.75
CA ARG B 40 -9.97 34.19 20.96
C ARG B 40 -11.37 34.04 21.53
N LYS B 41 -11.52 34.08 22.86
CA LYS B 41 -12.84 33.94 23.48
C LYS B 41 -13.72 35.15 23.21
N ALA B 42 -13.15 36.36 23.26
CA ALA B 42 -13.88 37.57 22.94
C ALA B 42 -14.12 37.73 21.44
N CYS B 43 -13.41 36.97 20.60
CA CYS B 43 -13.57 37.01 19.16
C CYS B 43 -14.73 36.16 18.67
N ALA B 44 -15.26 35.28 19.50
CA ALA B 44 -16.29 34.32 19.09
C ALA B 44 -17.64 34.81 19.60
N ASP B 45 -18.24 35.72 18.84
CA ASP B 45 -19.60 36.16 19.16
C ASP B 45 -20.63 35.11 18.78
N ALA B 46 -20.49 34.51 17.59
CA ALA B 46 -21.31 33.39 17.16
C ALA B 46 -20.42 32.19 16.86
N THR B 47 -21.05 31.12 16.38
CA THR B 47 -20.33 29.94 15.93
C THR B 47 -20.96 29.43 14.66
N LEU B 48 -20.19 28.60 13.94
CA LEU B 48 -20.61 28.06 12.64
C LEU B 48 -21.81 27.11 12.75
N SER B 49 -22.05 26.56 13.94
CA SER B 49 -23.25 25.74 14.16
C SER B 49 -24.52 26.57 14.06
N GLN B 50 -24.50 27.81 14.53
CA GLN B 50 -25.69 28.64 14.49
C GLN B 50 -25.69 29.67 13.37
N ILE B 51 -24.54 29.96 12.75
CA ILE B 51 -24.58 30.68 11.47
C ILE B 51 -25.13 29.78 10.37
N THR B 52 -24.72 28.53 10.35
CA THR B 52 -25.25 27.54 9.42
C THR B 52 -26.15 26.60 10.20
N ASN B 53 -27.39 27.03 10.39
CA ASN B 53 -28.44 26.20 10.96
C ASN B 53 -29.74 26.39 10.21
N ASN B 54 -29.78 27.31 9.23
CA ASN B 54 -30.94 27.56 8.42
C ASN B 54 -30.70 27.28 6.95
N ILE B 55 -29.47 26.96 6.55
CA ILE B 55 -29.20 26.50 5.20
C ILE B 55 -29.76 25.09 5.02
N ASP B 56 -29.96 24.71 3.76
CA ASP B 56 -30.49 23.39 3.44
C ASP B 56 -29.48 22.31 3.82
N PRO B 57 -29.94 21.16 4.34
CA PRO B 57 -29.03 20.05 4.63
C PRO B 57 -28.43 19.48 3.35
N VAL B 58 -27.22 18.91 3.50
CA VAL B 58 -26.49 18.35 2.36
C VAL B 58 -27.16 17.08 1.85
N GLY B 59 -27.92 16.38 2.70
CA GLY B 59 -28.59 15.18 2.29
C GLY B 59 -27.66 13.98 2.28
N ARG B 60 -28.23 12.82 1.98
CA ARG B 60 -27.43 11.61 1.81
C ARG B 60 -26.67 11.68 0.50
N ILE B 61 -25.36 11.54 0.58
CA ILE B 61 -24.51 11.50 -0.61
C ILE B 61 -24.12 10.05 -0.84
N GLN B 62 -24.88 9.35 -1.68
CA GLN B 62 -24.50 8.01 -2.05
C GLN B 62 -23.33 8.07 -3.04
N MET B 63 -22.36 7.19 -2.84
CA MET B 63 -21.12 7.29 -3.58
C MET B 63 -20.42 5.94 -3.56
N ARG B 64 -20.15 5.45 -4.78
CA ARG B 64 -19.60 4.13 -4.91
C ARG B 64 -18.37 4.05 -5.74
N THR B 65 -17.73 2.90 -5.66
CA THR B 65 -16.49 2.75 -6.41
C THR B 65 -16.77 2.48 -7.88
N ARG B 66 -16.16 3.29 -8.74
CA ARG B 66 -16.14 3.03 -10.16
C ARG B 66 -14.89 2.31 -10.63
N ARG B 67 -13.76 2.52 -9.97
CA ARG B 67 -12.48 1.96 -10.40
C ARG B 67 -11.74 1.41 -9.19
N THR B 68 -11.49 0.10 -9.19
CA THR B 68 -10.68 -0.56 -8.16
C THR B 68 -9.29 -0.80 -8.75
N LEU B 69 -8.38 0.14 -8.48
CA LEU B 69 -7.03 0.11 -9.01
C LEU B 69 -6.19 -0.92 -8.27
N ARG B 70 -5.87 -2.04 -8.92
CA ARG B 70 -5.15 -3.14 -8.29
C ARG B 70 -3.80 -3.33 -8.95
N GLY B 71 -2.84 -3.80 -8.15
CA GLY B 71 -1.51 -4.05 -8.66
C GLY B 71 -0.41 -3.81 -7.66
N HIS B 72 -0.71 -3.11 -6.57
CA HIS B 72 0.28 -2.91 -5.53
C HIS B 72 0.47 -4.20 -4.72
N LEU B 73 1.64 -4.28 -4.08
CA LEU B 73 2.07 -5.49 -3.38
C LEU B 73 2.07 -5.35 -1.87
N ALA B 74 2.14 -4.13 -1.36
CA ALA B 74 2.11 -3.86 0.07
C ALA B 74 1.12 -2.73 0.29
N LYS B 75 1.14 -2.15 1.49
CA LYS B 75 0.15 -1.15 1.85
C LYS B 75 0.40 0.17 1.13
N ILE B 76 -0.67 0.73 0.55
CA ILE B 76 -0.61 2.02 -0.14
C ILE B 76 -0.53 3.09 0.94
N TYR B 77 0.67 3.61 1.20
CA TYR B 77 0.84 4.52 2.32
C TYR B 77 0.39 5.94 1.99
N ALA B 78 0.60 6.40 0.75
CA ALA B 78 0.18 7.73 0.38
C ALA B 78 -0.10 7.79 -1.12
N MET B 79 -0.87 8.80 -1.51
CA MET B 79 -1.06 9.13 -2.92
C MET B 79 -1.03 10.63 -3.10
N HIS B 80 -1.06 11.05 -4.36
CA HIS B 80 -1.32 12.44 -4.73
C HIS B 80 -1.90 12.49 -6.14
N TRP B 81 -2.98 13.24 -6.30
CA TRP B 81 -3.60 13.42 -7.61
C TRP B 81 -2.75 14.33 -8.49
N GLY B 82 -2.95 14.22 -9.80
CA GLY B 82 -2.41 15.20 -10.72
C GLY B 82 -3.38 16.34 -10.95
N THR B 83 -2.86 17.46 -11.48
CA THR B 83 -3.70 18.63 -11.70
C THR B 83 -4.60 18.50 -12.91
N ASP B 84 -4.33 17.55 -13.80
CA ASP B 84 -5.24 17.27 -14.92
C ASP B 84 -6.35 16.31 -14.55
N SER B 85 -6.35 15.81 -13.30
CA SER B 85 -7.36 14.95 -12.67
C SER B 85 -7.49 13.57 -13.32
N ARG B 86 -6.52 13.17 -14.14
CA ARG B 86 -6.47 11.83 -14.72
C ARG B 86 -5.35 11.03 -14.06
N LEU B 87 -4.15 11.60 -14.03
CA LEU B 87 -2.99 10.93 -13.47
C LEU B 87 -2.99 11.03 -11.96
N LEU B 88 -2.57 9.95 -11.30
CA LEU B 88 -2.30 9.96 -9.88
C LEU B 88 -1.13 9.04 -9.62
N VAL B 89 -0.26 9.42 -8.70
CA VAL B 89 0.82 8.55 -8.24
C VAL B 89 0.40 7.98 -6.88
N SER B 90 0.85 6.77 -6.58
CA SER B 90 0.57 6.10 -5.32
C SER B 90 1.84 5.50 -4.77
N ALA B 91 2.09 5.69 -3.47
CA ALA B 91 3.26 5.18 -2.80
C ALA B 91 2.90 3.94 -2.00
N SER B 92 3.74 2.90 -2.11
CA SER B 92 3.53 1.67 -1.37
C SER B 92 4.82 1.17 -0.78
N GLN B 93 4.67 0.27 0.20
CA GLN B 93 5.77 -0.25 1.01
C GLN B 93 6.48 -1.42 0.37
N ASP B 94 6.16 -1.73 -0.88
CA ASP B 94 6.89 -2.67 -1.70
C ASP B 94 8.09 -2.05 -2.41
N GLY B 95 8.26 -0.74 -2.31
CA GLY B 95 9.30 -0.07 -3.07
C GLY B 95 8.87 0.39 -4.44
N LYS B 96 7.59 0.64 -4.65
CA LYS B 96 7.09 1.09 -5.95
C LYS B 96 6.26 2.34 -5.81
N LEU B 97 6.47 3.28 -6.74
CA LEU B 97 5.54 4.33 -7.07
C LEU B 97 4.91 3.96 -8.40
N ILE B 98 3.59 3.92 -8.45
CA ILE B 98 2.87 3.64 -9.69
C ILE B 98 2.08 4.88 -10.07
N ILE B 99 2.29 5.38 -11.28
CA ILE B 99 1.46 6.43 -11.86
C ILE B 99 0.32 5.76 -12.60
N TRP B 100 -0.90 6.13 -12.24
CA TRP B 100 -2.11 5.46 -12.69
C TRP B 100 -2.88 6.39 -13.60
N ASP B 101 -3.58 5.82 -14.57
CA ASP B 101 -4.59 6.56 -15.33
C ASP B 101 -5.95 6.06 -14.85
N SER B 102 -6.56 6.83 -13.93
CA SER B 102 -7.78 6.40 -13.24
C SER B 102 -9.00 6.36 -14.17
N TYR B 103 -8.94 7.07 -15.30
CA TYR B 103 -9.97 6.99 -16.33
C TYR B 103 -10.05 5.60 -16.95
N THR B 104 -8.91 4.93 -17.14
CA THR B 104 -8.87 3.65 -17.84
C THR B 104 -8.21 2.51 -17.08
N THR B 105 -7.81 2.72 -15.80
CA THR B 105 -7.15 1.81 -14.87
C THR B 105 -5.74 1.41 -15.37
N ASN B 106 -5.19 2.14 -16.34
CA ASN B 106 -3.88 1.85 -16.89
C ASN B 106 -2.78 2.30 -15.94
N LYS B 107 -1.65 1.62 -16.01
CA LYS B 107 -0.45 2.00 -15.26
C LYS B 107 0.47 2.75 -16.21
N VAL B 108 0.45 4.08 -16.06
CA VAL B 108 1.26 4.97 -16.90
C VAL B 108 2.75 4.78 -16.63
N HIS B 109 3.13 4.66 -15.37
CA HIS B 109 4.54 4.46 -15.03
C HIS B 109 4.63 3.58 -13.80
N ALA B 110 5.79 2.95 -13.64
CA ALA B 110 6.17 2.30 -12.40
C ALA B 110 7.56 2.76 -12.05
N ILE B 111 7.76 3.14 -10.79
CA ILE B 111 9.00 3.73 -10.32
C ILE B 111 9.53 2.84 -9.20
N PRO B 112 10.56 2.03 -9.44
CA PRO B 112 11.21 1.32 -8.33
C PRO B 112 12.06 2.28 -7.51
N LEU B 113 12.16 1.99 -6.22
CA LEU B 113 12.81 2.87 -5.27
C LEU B 113 13.95 2.14 -4.57
N ARG B 114 14.91 2.92 -4.06
CA ARG B 114 15.96 2.34 -3.24
C ARG B 114 15.42 1.85 -1.91
N SER B 115 14.57 2.65 -1.27
CA SER B 115 13.98 2.31 0.01
C SER B 115 12.52 1.94 -0.16
N SER B 116 12.12 0.83 0.44
CA SER B 116 10.75 0.35 0.39
C SER B 116 9.91 0.81 1.58
N TRP B 117 10.26 1.93 2.19
CA TRP B 117 9.59 2.39 3.40
C TRP B 117 9.01 3.79 3.19
N VAL B 118 8.38 4.01 2.03
CA VAL B 118 8.08 5.36 1.58
C VAL B 118 6.75 5.86 2.16
N MET B 119 6.80 6.99 2.85
CA MET B 119 5.63 7.42 3.58
C MET B 119 4.86 8.54 2.91
N THR B 120 5.36 9.07 1.79
CA THR B 120 4.69 10.13 1.06
C THR B 120 5.09 10.12 -0.41
N CYS B 121 4.24 10.75 -1.21
CA CYS B 121 4.55 11.05 -2.60
C CYS B 121 3.74 12.26 -3.02
N ALA B 122 4.33 13.07 -3.90
CA ALA B 122 3.66 14.25 -4.42
C ALA B 122 3.71 14.20 -5.93
N TYR B 123 2.68 14.77 -6.56
CA TYR B 123 2.66 14.96 -8.00
C TYR B 123 2.81 16.46 -8.23
N ALA B 124 3.81 16.83 -9.02
CA ALA B 124 4.09 18.24 -9.28
C ALA B 124 2.98 18.86 -10.12
N PRO B 125 2.66 20.16 -9.94
CA PRO B 125 1.66 20.80 -10.80
C PRO B 125 2.18 21.28 -12.16
N SER B 126 2.96 20.43 -12.83
CA SER B 126 3.30 20.55 -14.23
C SER B 126 3.31 19.20 -14.93
N GLY B 127 3.24 18.10 -14.19
CA GLY B 127 3.33 16.78 -14.76
C GLY B 127 4.73 16.29 -15.02
N ASN B 128 5.75 17.04 -14.59
CA ASN B 128 7.12 16.71 -14.94
C ASN B 128 7.86 15.94 -13.87
N TYR B 129 7.42 16.00 -12.61
CA TYR B 129 8.15 15.34 -11.53
C TYR B 129 7.20 14.70 -10.54
N VAL B 130 7.71 13.65 -9.88
CA VAL B 130 7.06 12.99 -8.75
C VAL B 130 8.10 12.83 -7.66
N ALA B 131 7.77 13.31 -6.45
CA ALA B 131 8.63 13.10 -5.29
C ALA B 131 8.20 11.85 -4.55
N CYS B 132 9.10 11.37 -3.68
CA CYS B 132 8.74 10.36 -2.71
C CYS B 132 9.64 10.57 -1.50
N GLY B 133 9.26 9.99 -0.38
CA GLY B 133 10.06 10.06 0.81
C GLY B 133 9.48 9.28 1.97
N GLY B 134 10.36 8.68 2.77
CA GLY B 134 9.94 7.89 3.90
C GLY B 134 11.00 7.80 4.97
N LEU B 135 11.22 6.59 5.47
CA LEU B 135 12.19 6.34 6.53
C LEU B 135 13.65 6.45 6.09
N ASP B 136 13.93 6.59 4.79
CA ASP B 136 15.31 6.78 4.33
C ASP B 136 15.81 8.20 4.52
N ASN B 137 14.94 9.13 4.97
CA ASN B 137 15.24 10.55 5.26
C ASN B 137 15.69 11.32 4.03
N ILE B 138 15.25 10.90 2.84
CA ILE B 138 15.66 11.48 1.57
C ILE B 138 14.42 11.72 0.73
N CYS B 139 14.25 12.94 0.23
CA CYS B 139 13.21 13.24 -0.77
C CYS B 139 13.78 12.95 -2.15
N SER B 140 13.32 11.87 -2.78
CA SER B 140 13.80 11.49 -4.09
C SER B 140 12.85 12.05 -5.14
N ILE B 141 13.34 12.99 -5.94
CA ILE B 141 12.58 13.59 -7.03
C ILE B 141 12.78 12.71 -8.26
N TYR B 142 11.69 12.34 -8.92
CA TYR B 142 11.76 11.50 -10.10
C TYR B 142 11.35 12.28 -11.33
N ASN B 143 12.25 12.35 -12.31
CA ASN B 143 11.96 13.02 -13.58
C ASN B 143 11.14 12.07 -14.44
N LEU B 144 9.93 12.48 -14.78
CA LEU B 144 9.05 11.66 -15.60
C LEU B 144 9.22 11.93 -17.09
N LYS B 145 9.30 13.20 -17.47
CA LYS B 145 9.35 13.61 -18.87
C LYS B 145 10.80 13.65 -19.34
N THR B 146 11.41 12.48 -19.42
CA THR B 146 12.79 12.35 -19.85
C THR B 146 12.85 11.97 -21.32
N ARG B 147 13.89 12.48 -21.99
CA ARG B 147 14.11 12.15 -23.39
C ARG B 147 14.58 10.69 -23.54
N GLU B 148 15.29 10.17 -22.54
CA GLU B 148 15.86 8.83 -22.65
C GLU B 148 14.80 7.75 -22.46
N GLY B 149 13.66 8.09 -21.87
CA GLY B 149 12.50 7.24 -21.94
C GLY B 149 12.16 6.44 -20.71
N ASN B 150 12.54 6.91 -19.52
CA ASN B 150 12.20 6.21 -18.29
C ASN B 150 12.09 7.23 -17.16
N VAL B 151 11.90 6.73 -15.96
CA VAL B 151 12.05 7.52 -14.75
C VAL B 151 13.47 7.35 -14.21
N ARG B 152 14.11 8.46 -13.86
CA ARG B 152 15.32 8.43 -13.06
C ARG B 152 15.18 9.33 -11.84
N VAL B 153 16.14 9.17 -10.93
CA VAL B 153 16.25 10.00 -9.75
C VAL B 153 16.77 11.36 -10.17
N SER B 154 15.89 12.37 -10.17
CA SER B 154 16.33 13.72 -10.50
C SER B 154 17.17 14.32 -9.39
N ARG B 155 16.75 14.14 -8.13
CA ARG B 155 17.44 14.74 -7.00
C ARG B 155 17.17 13.92 -5.75
N GLU B 156 18.24 13.56 -5.02
CA GLU B 156 18.13 12.93 -3.71
C GLU B 156 18.29 14.02 -2.66
N LEU B 157 17.19 14.72 -2.38
CA LEU B 157 17.17 15.78 -1.38
C LEU B 157 17.38 15.24 0.02
N ALA B 158 18.55 15.49 0.59
CA ALA B 158 18.92 14.93 1.89
C ALA B 158 19.38 16.04 2.81
N GLY B 159 19.30 15.77 4.11
CA GLY B 159 19.57 16.78 5.10
C GLY B 159 18.65 16.67 6.30
N HIS B 160 17.49 16.05 6.10
CA HIS B 160 16.58 15.78 7.19
C HIS B 160 17.15 14.70 8.11
N THR B 161 16.83 14.80 9.40
CA THR B 161 17.21 13.79 10.38
C THR B 161 15.98 13.10 10.95
N GLY B 162 15.06 12.73 10.07
CA GLY B 162 13.84 12.05 10.45
C GLY B 162 13.09 11.65 9.21
N TYR B 163 12.05 10.84 9.42
CA TYR B 163 11.24 10.32 8.33
C TYR B 163 10.44 11.43 7.66
N LEU B 164 10.38 11.42 6.33
CA LEU B 164 9.57 12.39 5.60
C LEU B 164 8.14 11.88 5.48
N SER B 165 7.22 12.57 6.16
CA SER B 165 5.84 12.14 6.24
C SER B 165 4.95 12.80 5.19
N CYS B 166 5.26 14.02 4.76
CA CYS B 166 4.54 14.63 3.65
C CYS B 166 5.45 15.59 2.90
N CYS B 167 5.28 15.63 1.58
CA CYS B 167 5.91 16.62 0.73
C CYS B 167 4.91 17.08 -0.31
N ARG B 168 4.99 18.36 -0.71
CA ARG B 168 4.15 18.90 -1.76
C ARG B 168 4.97 19.87 -2.60
N PHE B 169 4.88 19.74 -3.93
CA PHE B 169 5.60 20.63 -4.84
C PHE B 169 4.96 22.00 -4.86
N LEU B 170 5.78 23.05 -4.82
CA LEU B 170 5.23 24.39 -4.93
C LEU B 170 4.97 24.75 -6.39
N ASP B 171 6.05 24.96 -7.15
CA ASP B 171 5.98 25.09 -8.61
C ASP B 171 7.32 24.64 -9.22
N ASP B 172 7.41 23.34 -9.52
CA ASP B 172 8.33 22.70 -10.46
C ASP B 172 9.82 22.73 -10.12
N ASN B 173 10.23 23.49 -9.09
CA ASN B 173 11.61 23.56 -8.67
C ASN B 173 11.69 23.75 -7.15
N GLN B 174 10.55 23.86 -6.48
CA GLN B 174 10.51 24.14 -5.05
C GLN B 174 9.55 23.18 -4.39
N ILE B 175 10.00 22.56 -3.31
CA ILE B 175 9.18 21.61 -2.56
C ILE B 175 9.37 21.86 -1.07
N VAL B 176 8.26 21.84 -0.33
CA VAL B 176 8.30 21.81 1.13
C VAL B 176 8.09 20.37 1.59
N THR B 177 8.94 19.93 2.51
CA THR B 177 8.89 18.57 3.03
C THR B 177 8.72 18.65 4.54
N SER B 178 7.69 18.01 5.06
CA SER B 178 7.51 17.86 6.50
C SER B 178 8.22 16.59 6.94
N SER B 179 8.93 16.67 8.05
CA SER B 179 9.76 15.56 8.46
C SER B 179 9.47 15.14 9.89
N GLY B 180 10.08 14.02 10.27
CA GLY B 180 10.05 13.49 11.61
C GLY B 180 11.05 14.09 12.57
N ASP B 181 11.87 15.04 12.14
CA ASP B 181 12.77 15.73 13.06
C ASP B 181 12.19 17.03 13.60
N THR B 182 10.86 17.10 13.72
CA THR B 182 10.04 18.22 14.20
C THR B 182 10.20 19.49 13.36
N THR B 183 10.60 19.36 12.08
CA THR B 183 10.84 20.50 11.22
C THR B 183 10.16 20.28 9.87
N CYS B 184 9.79 21.40 9.23
CA CYS B 184 9.47 21.46 7.82
C CYS B 184 10.60 22.15 7.09
N ALA B 185 10.74 21.88 5.80
CA ALA B 185 11.86 22.44 5.05
C ALA B 185 11.51 22.68 3.60
N LEU B 186 11.74 23.91 3.13
CA LEU B 186 11.61 24.26 1.73
C LEU B 186 12.92 23.96 1.01
N TRP B 187 12.86 23.17 -0.05
CA TRP B 187 14.09 22.76 -0.73
C TRP B 187 14.18 23.20 -2.17
N ASP B 188 15.37 23.62 -2.61
CA ASP B 188 15.54 23.94 -4.01
C ASP B 188 16.00 22.66 -4.66
N ILE B 189 15.25 22.17 -5.63
CA ILE B 189 15.58 20.89 -6.23
C ILE B 189 16.84 20.98 -7.11
N GLU B 190 17.05 22.15 -7.74
CA GLU B 190 18.17 22.31 -8.66
C GLU B 190 19.51 22.40 -7.92
N THR B 191 19.51 22.94 -6.70
CA THR B 191 20.72 22.94 -5.88
C THR B 191 20.77 21.81 -4.86
N GLY B 192 19.63 21.26 -4.46
CA GLY B 192 19.58 20.25 -3.43
C GLY B 192 19.60 20.77 -2.00
N GLN B 193 19.50 22.08 -1.80
CA GLN B 193 19.69 22.68 -0.50
C GLN B 193 18.39 23.24 0.06
N GLN B 194 18.41 23.55 1.35
CA GLN B 194 17.31 24.21 2.05
C GLN B 194 17.43 25.72 1.85
N THR B 195 16.50 26.31 1.09
CA THR B 195 16.43 27.77 1.03
C THR B 195 15.94 28.34 2.35
N THR B 196 14.84 27.80 2.89
CA THR B 196 14.33 28.16 4.21
C THR B 196 14.03 26.89 4.98
N THR B 197 13.97 27.02 6.29
CA THR B 197 13.67 25.92 7.19
C THR B 197 12.60 26.40 8.15
N PHE B 198 11.67 25.52 8.50
CA PHE B 198 10.52 25.88 9.32
C PHE B 198 10.58 25.07 10.60
N THR B 199 10.91 25.73 11.71
CA THR B 199 11.06 25.07 13.00
C THR B 199 10.10 25.69 14.00
N GLY B 200 9.78 24.93 15.03
CA GLY B 200 8.86 25.39 16.05
C GLY B 200 7.98 24.32 16.63
N HIS B 201 7.78 23.24 15.88
CA HIS B 201 7.00 22.11 16.37
C HIS B 201 7.80 21.34 17.41
N THR B 202 7.11 20.88 18.46
CA THR B 202 7.75 20.08 19.49
C THR B 202 7.55 18.58 19.28
N GLY B 203 6.87 18.18 18.21
CA GLY B 203 6.59 16.78 17.95
C GLY B 203 6.73 16.46 16.47
N ASP B 204 6.51 15.17 16.16
CA ASP B 204 6.61 14.63 14.81
C ASP B 204 5.58 15.28 13.89
N VAL B 205 6.03 15.75 12.73
CA VAL B 205 5.15 16.47 11.81
C VAL B 205 4.69 15.49 10.74
N MET B 206 3.38 15.29 10.62
CA MET B 206 2.84 14.22 9.79
C MET B 206 2.30 14.65 8.44
N SER B 207 1.80 15.88 8.35
CA SER B 207 1.18 16.31 7.10
C SER B 207 1.29 17.80 6.83
N LEU B 208 1.31 18.18 5.57
CA LEU B 208 1.36 19.59 5.21
C LEU B 208 0.39 19.84 4.07
N SER B 209 -0.09 21.08 3.95
CA SER B 209 -1.04 21.41 2.90
C SER B 209 -0.76 22.80 2.35
N LEU B 210 -0.77 22.95 1.03
CA LEU B 210 -0.44 24.25 0.45
C LEU B 210 -1.72 25.00 0.13
N ALA B 211 -1.74 26.29 0.43
CA ALA B 211 -2.88 27.13 0.08
C ALA B 211 -2.95 27.30 -1.44
N PRO B 212 -4.16 27.49 -2.01
CA PRO B 212 -4.25 27.63 -3.48
C PRO B 212 -3.91 29.01 -4.05
N ASP B 213 -2.85 29.64 -3.53
CA ASP B 213 -2.08 30.65 -4.25
C ASP B 213 -0.59 30.47 -4.03
N THR B 214 -0.20 29.46 -3.23
CA THR B 214 1.17 29.01 -2.93
C THR B 214 1.99 30.16 -2.32
N ARG B 215 1.53 30.58 -1.16
CA ARG B 215 2.23 31.56 -0.33
C ARG B 215 2.18 31.23 1.16
N LEU B 216 1.28 30.37 1.60
CA LEU B 216 1.16 29.95 2.97
C LEU B 216 0.96 28.44 2.99
N PHE B 217 1.39 27.78 4.06
CA PHE B 217 1.10 26.38 4.22
C PHE B 217 0.93 26.06 5.70
N VAL B 218 -0.03 25.18 5.98
CA VAL B 218 -0.27 24.67 7.34
C VAL B 218 0.34 23.29 7.46
N SER B 219 0.92 23.01 8.63
CA SER B 219 1.48 21.71 8.95
C SER B 219 0.86 21.19 10.22
N GLY B 220 0.34 19.96 10.18
CA GLY B 220 -0.24 19.32 11.34
C GLY B 220 0.74 18.28 11.90
N ALA B 221 0.96 18.36 13.21
CA ALA B 221 2.01 17.59 13.85
C ALA B 221 1.48 16.83 15.05
N CYS B 222 2.34 16.00 15.63
CA CYS B 222 2.02 15.24 16.85
C CYS B 222 2.38 16.01 18.11
N ASP B 223 1.88 17.24 18.23
CA ASP B 223 1.88 17.91 19.52
C ASP B 223 0.54 18.60 19.75
N ALA B 224 -0.52 18.07 19.11
CA ALA B 224 -1.90 18.56 19.15
C ALA B 224 -2.00 20.01 18.71
N SER B 225 -1.23 20.38 17.70
CA SER B 225 -1.26 21.74 17.20
C SER B 225 -0.94 21.76 15.71
N ALA B 226 -1.51 22.73 15.02
CA ALA B 226 -1.24 23.00 13.62
C ALA B 226 -0.70 24.41 13.51
N LYS B 227 0.39 24.58 12.77
CA LYS B 227 1.02 25.88 12.60
C LYS B 227 0.89 26.35 11.16
N LEU B 228 0.44 27.59 11.00
CA LEU B 228 0.47 28.27 9.71
C LEU B 228 1.83 28.90 9.50
N TRP B 229 2.50 28.54 8.40
CA TRP B 229 3.80 29.10 8.06
C TRP B 229 3.70 29.93 6.80
N ASP B 230 4.45 31.02 6.76
CA ASP B 230 4.67 31.76 5.52
C ASP B 230 5.91 31.16 4.87
N VAL B 231 5.78 30.74 3.62
CA VAL B 231 6.88 30.07 2.92
C VAL B 231 7.92 31.06 2.44
N ARG B 232 7.59 32.36 2.39
CA ARG B 232 8.48 33.33 1.78
C ARG B 232 9.56 33.87 2.72
N GLU B 233 9.39 33.74 4.04
CA GLU B 233 10.47 34.13 4.94
C GLU B 233 10.70 33.15 6.09
N GLY B 234 10.07 31.97 6.05
CA GLY B 234 10.35 30.91 7.00
C GLY B 234 9.98 31.15 8.45
N MET B 235 8.77 31.64 8.69
CA MET B 235 8.30 31.90 10.05
C MET B 235 6.89 31.37 10.20
N CYS B 236 6.51 31.08 11.44
CA CYS B 236 5.15 30.71 11.77
C CYS B 236 4.36 31.97 12.07
N ARG B 237 3.34 32.26 11.24
CA ARG B 237 2.32 33.24 11.59
C ARG B 237 1.63 32.90 12.90
N GLN B 238 1.05 31.71 12.98
CA GLN B 238 0.04 31.45 14.00
C GLN B 238 -0.16 29.95 14.22
N THR B 239 -0.40 29.59 15.48
CA THR B 239 -0.48 28.21 15.94
C THR B 239 -1.93 27.91 16.34
N PHE B 240 -2.44 26.77 15.87
CA PHE B 240 -3.83 26.39 16.05
C PHE B 240 -3.92 25.19 16.97
N THR B 241 -4.48 25.38 18.15
CA THR B 241 -4.71 24.30 19.11
C THR B 241 -6.20 24.10 19.27
N GLY B 242 -6.56 22.98 19.88
CA GLY B 242 -7.94 22.58 19.99
C GLY B 242 -8.01 21.08 19.80
N HIS B 243 -7.05 20.54 19.05
CA HIS B 243 -6.88 19.10 19.01
C HIS B 243 -6.24 18.62 20.29
N GLU B 244 -6.35 17.31 20.52
CA GLU B 244 -5.97 16.72 21.79
C GLU B 244 -5.14 15.44 21.61
N SER B 245 -4.68 15.18 20.39
CA SER B 245 -3.83 14.04 20.08
C SER B 245 -3.03 14.34 18.80
N ASP B 246 -2.41 13.31 18.24
CA ASP B 246 -1.49 13.46 17.11
C ASP B 246 -2.22 13.77 15.82
N ILE B 247 -1.97 14.95 15.25
CA ILE B 247 -2.58 15.33 13.98
C ILE B 247 -1.86 14.61 12.85
N ASN B 248 -2.58 13.73 12.16
CA ASN B 248 -2.04 12.93 11.07
C ASN B 248 -2.49 13.42 9.71
N ALA B 249 -3.34 14.44 9.67
CA ALA B 249 -4.02 14.82 8.44
C ALA B 249 -4.36 16.30 8.51
N ILE B 250 -4.15 17.01 7.41
CA ILE B 250 -4.45 18.43 7.35
C ILE B 250 -4.69 18.79 5.89
N CYS B 251 -5.63 19.71 5.65
CA CYS B 251 -6.00 20.10 4.29
C CYS B 251 -6.64 21.47 4.32
N PHE B 252 -6.21 22.35 3.41
CA PHE B 252 -6.78 23.68 3.27
C PHE B 252 -8.21 23.63 2.74
N PHE B 253 -8.97 24.66 3.11
CA PHE B 253 -10.23 24.97 2.45
C PHE B 253 -9.91 25.48 1.04
N PRO B 254 -10.80 25.28 0.06
CA PRO B 254 -10.52 25.71 -1.33
C PRO B 254 -10.26 27.20 -1.57
N ASN B 255 -10.81 28.12 -0.77
CA ASN B 255 -10.47 29.53 -0.97
C ASN B 255 -9.06 29.83 -0.46
N GLY B 256 -8.72 29.28 0.70
CA GLY B 256 -7.40 29.48 1.26
C GLY B 256 -7.42 30.15 2.61
N ASN B 257 -8.60 30.49 3.11
CA ASN B 257 -8.73 31.17 4.39
C ASN B 257 -8.98 30.23 5.57
N ALA B 258 -9.21 28.94 5.32
CA ALA B 258 -9.49 28.01 6.40
C ALA B 258 -8.78 26.69 6.09
N PHE B 259 -8.74 25.81 7.08
CA PHE B 259 -8.21 24.48 6.88
C PHE B 259 -8.81 23.53 7.91
N ALA B 260 -9.00 22.28 7.51
CA ALA B 260 -9.45 21.23 8.41
C ALA B 260 -8.29 20.30 8.73
N THR B 261 -8.42 19.61 9.86
CA THR B 261 -7.39 18.73 10.40
C THR B 261 -7.98 17.38 10.74
N GLY B 262 -7.12 16.36 10.78
CA GLY B 262 -7.52 15.05 11.24
C GLY B 262 -6.47 14.46 12.16
N SER B 263 -6.94 13.73 13.18
CA SER B 263 -6.04 13.26 14.22
C SER B 263 -6.53 11.93 14.78
N ASP B 264 -5.89 11.51 15.87
CA ASP B 264 -6.17 10.22 16.50
C ASP B 264 -7.29 10.26 17.52
N ASP B 265 -7.86 11.42 17.81
CA ASP B 265 -8.85 11.57 18.87
C ASP B 265 -10.30 11.39 18.39
N ALA B 266 -10.48 10.83 17.19
CA ALA B 266 -11.77 10.64 16.51
C ALA B 266 -12.51 11.96 16.27
N THR B 267 -11.77 13.06 16.10
CA THR B 267 -12.34 14.36 15.80
C THR B 267 -11.65 14.94 14.58
N CYS B 268 -12.42 15.59 13.72
CA CYS B 268 -11.88 16.52 12.73
C CYS B 268 -12.34 17.93 13.07
N ARG B 269 -11.42 18.90 13.01
CA ARG B 269 -11.72 20.26 13.44
C ARG B 269 -11.34 21.24 12.34
N LEU B 270 -12.21 22.21 12.10
CA LEU B 270 -12.04 23.21 11.04
C LEU B 270 -11.48 24.50 11.64
N PHE B 271 -10.31 24.92 11.17
CA PHE B 271 -9.62 26.08 11.70
C PHE B 271 -9.55 27.19 10.64
N ASP B 272 -10.19 28.31 10.91
CA ASP B 272 -10.06 29.49 10.06
C ASP B 272 -8.75 30.20 10.36
N LEU B 273 -8.12 30.75 9.32
CA LEU B 273 -6.81 31.37 9.49
C LEU B 273 -6.91 32.81 9.98
N ARG B 274 -8.10 33.41 9.92
CA ARG B 274 -8.26 34.81 10.31
C ARG B 274 -8.71 34.91 11.76
N ALA B 275 -9.73 34.15 12.13
CA ALA B 275 -10.14 33.96 13.51
C ALA B 275 -9.69 32.57 13.95
N ASP B 276 -8.88 32.51 15.00
CA ASP B 276 -8.14 31.29 15.31
C ASP B 276 -8.94 30.43 16.27
N GLN B 277 -9.88 29.64 15.76
CA GLN B 277 -10.69 28.77 16.59
C GLN B 277 -11.06 27.53 15.80
N GLU B 278 -11.48 26.49 16.53
CA GLU B 278 -12.20 25.38 15.93
C GLU B 278 -13.66 25.82 15.75
N LEU B 279 -14.06 26.04 14.50
CA LEU B 279 -15.43 26.46 14.23
C LEU B 279 -16.40 25.29 14.33
N MET B 280 -15.95 24.10 13.96
CA MET B 280 -16.74 22.87 14.08
C MET B 280 -15.84 21.71 14.39
N THR B 281 -16.21 20.91 15.39
CA THR B 281 -15.66 19.57 15.50
C THR B 281 -16.56 18.58 14.75
N TYR B 282 -15.95 17.77 13.90
CA TYR B 282 -16.61 16.62 13.25
C TYR B 282 -16.25 15.36 14.03
N SER B 283 -17.15 14.95 14.91
CA SER B 283 -16.88 13.84 15.82
C SER B 283 -18.21 13.26 16.30
N HIS B 284 -18.47 12.00 16.00
CA HIS B 284 -19.61 11.31 16.57
C HIS B 284 -19.11 10.44 17.72
N ASP B 285 -20.03 9.81 18.45
CA ASP B 285 -19.68 8.96 19.58
C ASP B 285 -19.35 7.54 19.17
N ASN B 286 -19.93 7.07 18.06
CA ASN B 286 -19.61 5.72 17.58
C ASN B 286 -18.21 5.62 16.98
N ILE B 287 -17.68 6.73 16.48
CA ILE B 287 -16.32 6.77 15.94
C ILE B 287 -15.35 6.86 17.12
N ILE B 288 -14.44 5.89 17.20
CA ILE B 288 -13.46 5.85 18.28
C ILE B 288 -12.03 5.79 17.75
N CYS B 289 -11.84 5.69 16.45
CA CYS B 289 -10.54 5.41 15.87
C CYS B 289 -9.79 6.69 15.57
N GLY B 290 -8.74 6.59 14.75
CA GLY B 290 -7.94 7.72 14.36
C GLY B 290 -8.12 8.11 12.90
N ILE B 291 -8.20 9.41 12.64
CA ILE B 291 -8.25 9.91 11.28
C ILE B 291 -6.85 9.88 10.68
N THR B 292 -6.69 9.24 9.53
CA THR B 292 -5.40 9.21 8.87
C THR B 292 -5.32 10.22 7.72
N SER B 293 -6.42 10.48 7.01
CA SER B 293 -6.37 11.39 5.87
C SER B 293 -7.62 12.27 5.84
N VAL B 294 -7.42 13.51 5.36
CA VAL B 294 -8.44 14.56 5.28
C VAL B 294 -8.25 15.31 3.97
N SER B 295 -9.34 15.45 3.18
CA SER B 295 -9.33 16.37 2.05
C SER B 295 -10.73 16.88 1.79
N PHE B 296 -10.84 18.16 1.42
CA PHE B 296 -12.10 18.81 1.09
C PHE B 296 -12.54 18.47 -0.34
N SER B 297 -13.73 18.94 -0.68
CA SER B 297 -14.20 18.93 -2.05
C SER B 297 -13.71 20.18 -2.78
N LYS B 298 -14.25 20.43 -3.98
CA LYS B 298 -13.88 21.64 -4.70
C LYS B 298 -14.58 22.87 -4.15
N SER B 299 -15.70 22.70 -3.46
CA SER B 299 -16.42 23.79 -2.83
C SER B 299 -16.19 23.88 -1.33
N GLY B 300 -15.72 22.81 -0.71
CA GLY B 300 -15.59 22.80 0.72
C GLY B 300 -16.90 22.60 1.45
N ARG B 301 -17.85 21.88 0.84
CA ARG B 301 -19.08 21.51 1.51
C ARG B 301 -19.05 20.08 2.02
N LEU B 302 -18.28 19.21 1.38
CA LEU B 302 -18.17 17.81 1.77
C LEU B 302 -16.73 17.54 2.19
N LEU B 303 -16.49 17.57 3.50
CA LEU B 303 -15.18 17.18 4.02
C LEU B 303 -15.12 15.66 4.05
N LEU B 304 -14.34 15.08 3.16
CA LEU B 304 -14.07 13.66 3.18
C LEU B 304 -12.88 13.40 4.08
N ALA B 305 -13.09 12.63 5.13
CA ALA B 305 -12.01 12.21 6.01
C ALA B 305 -11.78 10.71 5.86
N GLY B 306 -10.66 10.24 6.39
CA GLY B 306 -10.29 8.85 6.26
C GLY B 306 -9.77 8.30 7.56
N TYR B 307 -10.38 7.21 8.02
CA TYR B 307 -10.28 6.76 9.40
C TYR B 307 -9.60 5.40 9.48
N ASP B 308 -9.44 4.93 10.71
CA ASP B 308 -8.89 3.62 11.00
C ASP B 308 -9.97 2.55 11.21
N ASP B 309 -11.26 2.91 11.10
CA ASP B 309 -12.33 1.91 11.11
C ASP B 309 -12.63 1.32 9.74
N PHE B 310 -11.65 1.34 8.84
CA PHE B 310 -11.62 0.69 7.51
C PHE B 310 -12.53 1.42 6.52
N ASN B 311 -12.89 2.66 6.84
CA ASN B 311 -13.99 3.37 6.20
C ASN B 311 -13.57 4.81 5.93
N CYS B 312 -14.43 5.54 5.20
CA CYS B 312 -14.19 6.95 4.87
C CYS B 312 -15.49 7.70 5.04
N ASN B 313 -15.67 8.36 6.17
CA ASN B 313 -16.88 9.11 6.43
C ASN B 313 -16.82 10.46 5.72
N VAL B 314 -17.97 10.91 5.21
CA VAL B 314 -18.07 12.13 4.42
C VAL B 314 -18.88 13.12 5.24
N TRP B 315 -18.22 14.13 5.78
CA TRP B 315 -18.86 15.11 6.64
C TRP B 315 -19.31 16.33 5.87
N ASP B 316 -20.44 16.89 6.29
CA ASP B 316 -20.80 18.24 5.90
C ASP B 316 -19.86 19.18 6.65
N ALA B 317 -19.23 20.10 5.93
CA ALA B 317 -18.24 20.96 6.56
C ALA B 317 -18.86 22.12 7.35
N LEU B 318 -20.17 22.33 7.25
CA LEU B 318 -20.81 23.43 7.94
C LEU B 318 -21.87 23.01 8.96
N LYS B 319 -22.29 21.75 8.97
CA LYS B 319 -23.40 21.34 9.83
C LYS B 319 -23.10 20.18 10.77
N ALA B 320 -21.93 19.52 10.65
CA ALA B 320 -21.46 18.42 11.51
C ALA B 320 -22.41 17.22 11.53
N ASP B 321 -22.57 16.62 10.36
CA ASP B 321 -23.26 15.34 10.23
C ASP B 321 -22.71 14.60 9.03
N ARG B 322 -22.69 13.28 9.12
CA ARG B 322 -22.20 12.47 8.02
C ARG B 322 -23.17 12.49 6.85
N ALA B 323 -22.64 12.71 5.65
CA ALA B 323 -23.43 12.68 4.43
C ALA B 323 -23.38 11.32 3.76
N GLY B 324 -22.65 10.37 4.33
CA GLY B 324 -22.49 9.05 3.76
C GLY B 324 -21.14 8.50 4.17
N VAL B 325 -21.02 7.18 4.13
CA VAL B 325 -19.78 6.49 4.47
C VAL B 325 -19.29 5.76 3.22
N LEU B 326 -18.02 5.98 2.88
CA LEU B 326 -17.38 5.29 1.76
C LEU B 326 -16.72 4.04 2.32
N ALA B 327 -17.48 2.95 2.32
CA ALA B 327 -17.09 1.71 2.99
C ALA B 327 -16.84 0.64 1.94
N GLY B 328 -15.60 0.55 1.48
CA GLY B 328 -15.25 -0.49 0.52
C GLY B 328 -13.85 -1.03 0.71
N HIS B 329 -13.18 -0.62 1.78
CA HIS B 329 -11.79 -0.98 2.00
C HIS B 329 -11.67 -2.04 3.08
N ASP B 330 -10.52 -2.69 3.12
CA ASP B 330 -10.29 -3.84 3.98
C ASP B 330 -9.34 -3.58 5.13
N ASN B 331 -8.54 -2.52 5.07
CA ASN B 331 -7.68 -2.14 6.20
C ASN B 331 -7.74 -0.62 6.39
N ARG B 332 -6.76 -0.04 7.09
CA ARG B 332 -6.68 1.41 7.29
C ARG B 332 -6.55 2.16 5.98
N VAL B 333 -7.43 3.15 5.79
CA VAL B 333 -7.35 4.00 4.61
C VAL B 333 -6.26 5.03 4.87
N SER B 334 -5.07 4.77 4.32
CA SER B 334 -3.93 5.62 4.62
C SER B 334 -3.99 6.94 3.87
N CYS B 335 -4.51 6.94 2.64
CA CYS B 335 -4.53 8.12 1.82
C CYS B 335 -5.90 8.34 1.21
N LEU B 336 -6.21 9.61 0.96
CA LEU B 336 -7.52 10.01 0.49
C LEU B 336 -7.36 11.35 -0.22
N GLY B 337 -7.71 11.41 -1.50
CA GLY B 337 -7.49 12.62 -2.26
C GLY B 337 -8.59 12.95 -3.24
N VAL B 338 -8.95 14.21 -3.31
CA VAL B 338 -9.97 14.73 -4.22
C VAL B 338 -9.26 15.50 -5.33
N THR B 339 -9.75 15.36 -6.56
CA THR B 339 -9.17 15.99 -7.76
C THR B 339 -9.25 17.51 -7.69
N ASP B 340 -8.48 18.16 -8.58
CA ASP B 340 -8.51 19.61 -8.64
C ASP B 340 -9.70 20.17 -9.40
N ASP B 341 -10.48 19.34 -10.10
CA ASP B 341 -11.82 19.74 -10.49
C ASP B 341 -12.87 19.21 -9.53
N GLY B 342 -12.44 18.55 -8.45
CA GLY B 342 -13.27 18.08 -7.35
C GLY B 342 -14.36 17.11 -7.73
N MET B 343 -14.02 16.12 -8.53
CA MET B 343 -15.05 15.30 -9.13
C MET B 343 -14.88 13.81 -8.83
N ALA B 344 -13.67 13.36 -8.55
CA ALA B 344 -13.44 11.99 -8.10
C ALA B 344 -12.61 12.00 -6.83
N VAL B 345 -12.85 11.00 -5.98
CA VAL B 345 -12.14 10.81 -4.73
C VAL B 345 -11.40 9.50 -4.82
N ALA B 346 -10.09 9.54 -4.60
CA ALA B 346 -9.28 8.33 -4.60
C ALA B 346 -8.87 8.04 -3.17
N THR B 347 -9.36 6.92 -2.64
CA THR B 347 -9.00 6.46 -1.32
C THR B 347 -8.14 5.22 -1.46
N GLY B 348 -6.93 5.29 -0.95
CA GLY B 348 -6.02 4.15 -0.94
C GLY B 348 -5.84 3.67 0.49
N SER B 349 -5.77 2.36 0.64
CA SER B 349 -5.79 1.75 1.96
C SER B 349 -4.59 0.85 2.15
N TRP B 350 -4.55 0.22 3.32
CA TRP B 350 -3.50 -0.74 3.63
C TRP B 350 -3.80 -2.15 3.11
N ASP B 351 -4.75 -2.31 2.19
CA ASP B 351 -5.04 -3.59 1.58
C ASP B 351 -4.53 -3.69 0.14
N SER B 352 -3.62 -2.80 -0.26
CA SER B 352 -3.01 -2.67 -1.59
C SER B 352 -4.00 -2.31 -2.69
N PHE B 353 -5.15 -1.73 -2.34
CA PHE B 353 -6.12 -1.29 -3.34
C PHE B 353 -6.46 0.17 -3.18
N LEU B 354 -6.66 0.81 -4.33
CA LEU B 354 -7.02 2.20 -4.35
C LEU B 354 -8.38 2.18 -5.00
N LYS B 355 -9.24 3.09 -4.62
CA LYS B 355 -10.61 3.08 -5.10
C LYS B 355 -11.05 4.48 -5.50
N ILE B 356 -11.60 4.61 -6.70
CA ILE B 356 -12.09 5.89 -7.23
C ILE B 356 -13.57 5.98 -6.88
N TRP B 357 -13.88 6.79 -5.88
CA TRP B 357 -15.27 7.06 -5.56
C TRP B 357 -15.75 8.31 -6.28
N ASN B 358 -17.01 8.29 -6.69
CA ASN B 358 -17.63 9.39 -7.42
C ASN B 358 -19.14 9.26 -7.24
N SER C 45 15.14 24.25 27.97
CA SER C 45 16.37 25.01 28.18
C SER C 45 16.09 26.50 28.21
N ILE C 46 17.15 27.29 28.38
CA ILE C 46 17.00 28.75 28.41
C ILE C 46 16.80 29.30 27.00
N ALA C 47 17.37 28.64 25.99
CA ALA C 47 17.31 29.13 24.61
C ALA C 47 15.93 28.91 24.01
N GLN C 48 15.32 27.74 24.28
CA GLN C 48 14.03 27.38 23.71
C GLN C 48 12.92 28.26 24.26
N ALA C 49 12.96 28.57 25.55
CA ALA C 49 11.89 29.31 26.19
C ALA C 49 11.91 30.80 25.82
N ARG C 50 13.08 31.34 25.44
CA ARG C 50 13.12 32.64 24.75
C ARG C 50 12.36 32.61 23.44
N LYS C 51 12.50 31.52 22.68
CA LYS C 51 11.86 31.42 21.37
C LYS C 51 10.36 31.24 21.52
N LEU C 52 9.95 30.49 22.54
CA LEU C 52 8.52 30.33 22.78
C LEU C 52 7.89 31.69 23.01
N VAL C 53 8.55 32.55 23.79
CA VAL C 53 7.93 33.83 24.12
C VAL C 53 7.97 34.80 22.95
N GLU C 54 9.04 34.79 22.14
CA GLU C 54 9.11 35.64 20.96
C GLU C 54 8.16 35.16 19.86
N GLN C 55 7.86 33.85 19.82
CA GLN C 55 6.83 33.36 18.91
C GLN C 55 5.44 33.81 19.35
N LEU C 56 5.14 33.70 20.65
CA LEU C 56 3.81 34.03 21.14
C LEU C 56 3.52 35.52 21.14
N LYS C 57 4.55 36.36 21.38
CA LYS C 57 4.39 37.80 21.23
C LYS C 57 4.10 38.19 19.78
N MET C 58 4.78 37.53 18.84
CA MET C 58 4.53 37.72 17.42
C MET C 58 3.17 37.14 17.01
N GLU C 59 2.71 36.11 17.70
CA GLU C 59 1.38 35.56 17.46
C GLU C 59 0.25 36.41 18.03
N ALA C 60 0.47 37.09 19.17
CA ALA C 60 -0.60 37.74 19.89
C ALA C 60 -1.07 39.04 19.25
N ASN C 61 -0.16 39.81 18.66
CA ASN C 61 -0.52 41.08 18.04
C ASN C 61 -0.80 40.91 16.55
N ILE C 62 -1.79 40.07 16.25
CA ILE C 62 -2.31 39.91 14.90
C ILE C 62 -3.75 40.41 14.88
N ASP C 63 -4.31 40.48 13.69
CA ASP C 63 -5.67 40.97 13.50
C ASP C 63 -6.60 39.76 13.45
N ARG C 64 -7.66 39.81 14.26
CA ARG C 64 -8.67 38.76 14.26
C ARG C 64 -10.02 39.39 13.98
N ILE C 65 -10.59 39.06 12.83
CA ILE C 65 -11.97 39.44 12.52
C ILE C 65 -12.88 38.43 13.20
N LYS C 66 -14.15 38.80 13.36
CA LYS C 66 -15.10 37.99 14.12
C LYS C 66 -15.42 36.67 13.42
N VAL C 67 -15.69 35.65 14.24
CA VAL C 67 -15.96 34.30 13.75
C VAL C 67 -17.26 34.24 12.98
N SER C 68 -18.26 35.05 13.37
CA SER C 68 -19.52 35.14 12.63
C SER C 68 -19.30 35.69 11.22
N LYS C 69 -18.39 36.65 11.07
CA LYS C 69 -17.98 37.08 9.75
C LYS C 69 -17.16 36.01 9.05
N ALA C 70 -16.34 35.27 9.82
CA ALA C 70 -15.55 34.19 9.24
C ALA C 70 -16.43 32.99 8.88
N ALA C 71 -17.48 32.75 9.65
CA ALA C 71 -18.44 31.70 9.29
C ALA C 71 -19.25 32.07 8.07
N ALA C 72 -19.57 33.36 7.91
CA ALA C 72 -20.36 33.82 6.78
C ALA C 72 -19.58 33.73 5.47
N ASP C 73 -18.27 34.01 5.52
CA ASP C 73 -17.45 33.93 4.32
C ASP C 73 -17.26 32.50 3.84
N LEU C 74 -17.14 31.55 4.78
CA LEU C 74 -17.08 30.14 4.41
C LEU C 74 -18.42 29.64 3.90
N MET C 75 -19.51 30.16 4.47
CA MET C 75 -20.85 29.83 3.97
C MET C 75 -21.08 30.40 2.58
N ALA C 76 -20.58 31.63 2.33
CA ALA C 76 -20.79 32.28 1.04
C ALA C 76 -19.99 31.60 -0.07
N TYR C 77 -18.83 31.04 0.25
CA TYR C 77 -18.01 30.35 -0.74
C TYR C 77 -18.67 29.04 -1.19
N CYS C 78 -19.29 28.31 -0.27
CA CYS C 78 -19.94 27.05 -0.61
C CYS C 78 -21.20 27.28 -1.43
N GLU C 79 -21.96 28.33 -1.12
CA GLU C 79 -23.18 28.62 -1.87
C GLU C 79 -22.87 29.19 -3.25
N ALA C 80 -21.80 29.98 -3.38
CA ALA C 80 -21.40 30.50 -4.68
C ALA C 80 -20.88 29.38 -5.59
N HIS C 81 -19.99 28.54 -5.08
CA HIS C 81 -19.52 27.39 -5.85
C HIS C 81 -20.34 26.14 -5.58
N ALA C 82 -21.67 26.23 -5.62
CA ALA C 82 -22.49 25.05 -5.44
C ALA C 82 -22.49 24.18 -6.68
N LYS C 83 -22.53 24.81 -7.86
CA LYS C 83 -22.42 24.07 -9.11
C LYS C 83 -21.01 23.52 -9.31
N GLU C 84 -20.01 24.18 -8.74
CA GLU C 84 -18.61 23.73 -8.81
C GLU C 84 -18.27 22.75 -7.68
N ASP C 85 -19.08 21.68 -7.58
CA ASP C 85 -18.84 20.57 -6.66
C ASP C 85 -19.61 19.35 -7.18
N PRO C 86 -19.03 18.55 -8.08
CA PRO C 86 -19.69 17.28 -8.48
C PRO C 86 -19.87 16.26 -7.37
N LEU C 87 -19.10 16.35 -6.29
CA LEU C 87 -19.30 15.44 -5.17
C LEU C 87 -20.60 15.74 -4.43
N LEU C 88 -21.05 17.00 -4.46
CA LEU C 88 -22.30 17.41 -3.84
C LEU C 88 -23.50 17.07 -4.72
N THR C 89 -23.59 17.67 -5.91
CA THR C 89 -24.67 17.34 -6.83
C THR C 89 -24.19 16.33 -7.87
N PRO C 90 -24.86 15.16 -7.97
CA PRO C 90 -24.25 14.17 -8.88
C PRO C 90 -24.22 14.58 -10.33
N VAL C 91 -23.07 14.40 -10.97
CA VAL C 91 -22.94 14.72 -12.37
C VAL C 91 -23.75 13.75 -13.17
N PRO C 92 -24.29 14.20 -14.31
CA PRO C 92 -25.00 13.26 -15.17
C PRO C 92 -23.99 12.25 -15.60
N ALA C 93 -24.43 11.05 -15.89
CA ALA C 93 -23.49 10.00 -16.19
C ALA C 93 -22.59 10.31 -17.36
N SER C 94 -23.11 10.95 -18.38
CA SER C 94 -22.30 11.20 -19.54
C SER C 94 -21.12 12.04 -19.16
N GLU C 95 -21.36 13.04 -18.34
CA GLU C 95 -20.29 13.90 -17.90
C GLU C 95 -19.26 13.20 -17.05
N ASN C 96 -19.68 12.28 -16.21
CA ASN C 96 -18.79 11.59 -15.31
C ASN C 96 -17.73 10.98 -16.14
N PRO C 97 -16.49 11.14 -15.74
CA PRO C 97 -15.53 10.55 -16.63
C PRO C 97 -15.13 9.20 -16.15
N PHE C 98 -15.64 8.78 -15.02
CA PHE C 98 -15.27 7.53 -14.44
C PHE C 98 -16.40 6.55 -14.59
N ARG C 99 -17.43 6.87 -15.36
CA ARG C 99 -18.52 5.96 -15.60
C ARG C 99 -17.99 4.74 -16.33
N GLN D 1 -5.73 23.53 24.79
CA GLN D 1 -4.38 22.98 24.72
C GLN D 1 -4.23 21.81 25.65
N VAL D 2 -3.38 20.86 25.28
CA VAL D 2 -3.07 19.72 26.14
C VAL D 2 -2.10 20.23 27.20
N GLN D 3 -2.62 20.49 28.39
CA GLN D 3 -1.84 21.07 29.48
C GLN D 3 -1.96 20.17 30.69
N LEU D 4 -0.86 19.55 31.08
CA LEU D 4 -0.80 18.70 32.26
C LEU D 4 0.04 19.44 33.28
N GLN D 5 -0.60 20.04 34.27
CA GLN D 5 0.08 20.80 35.30
C GLN D 5 0.04 19.98 36.58
N GLU D 6 1.19 19.43 36.97
CA GLU D 6 1.26 18.59 38.16
C GLU D 6 1.87 19.37 39.33
N SER D 7 1.14 19.41 40.43
CA SER D 7 1.57 20.07 41.65
C SER D 7 2.19 19.03 42.58
N GLY D 8 2.40 19.41 43.83
CA GLY D 8 2.98 18.52 44.82
C GLY D 8 4.48 18.46 44.71
N GLY D 9 5.07 17.63 45.57
CA GLY D 9 6.51 17.48 45.59
C GLY D 9 7.21 18.50 46.46
N GLY D 10 8.37 18.13 47.00
CA GLY D 10 9.09 19.03 47.86
C GLY D 10 10.25 18.31 48.52
N LEU D 11 10.85 18.98 49.50
CA LEU D 11 11.96 18.41 50.25
C LEU D 11 11.36 17.61 51.40
N VAL D 12 11.21 16.31 51.18
CA VAL D 12 10.65 15.42 52.18
C VAL D 12 11.79 14.62 52.79
N GLN D 13 11.63 14.25 54.06
CA GLN D 13 12.58 13.39 54.74
C GLN D 13 12.44 11.94 54.23
N PRO D 14 13.47 11.12 54.40
CA PRO D 14 13.31 9.68 54.13
C PRO D 14 12.29 9.03 55.07
N GLY D 15 11.43 8.21 54.49
CA GLY D 15 10.30 7.66 55.21
C GLY D 15 9.06 8.55 55.22
N GLY D 16 9.12 9.72 54.60
CA GLY D 16 8.01 10.65 54.58
C GLY D 16 6.95 10.26 53.57
N SER D 17 5.99 11.16 53.39
CA SER D 17 4.88 10.92 52.48
C SER D 17 4.58 12.17 51.67
N LEU D 18 4.22 11.95 50.40
CA LEU D 18 3.85 13.05 49.50
C LEU D 18 2.79 12.57 48.52
N ARG D 19 1.79 13.40 48.26
CA ARG D 19 0.85 13.19 47.18
C ARG D 19 1.18 14.14 46.04
N LEU D 20 1.44 13.58 44.86
CA LEU D 20 1.58 14.39 43.66
C LEU D 20 0.23 14.41 42.94
N SER D 21 -0.34 15.60 42.82
CA SER D 21 -1.56 15.77 42.03
C SER D 21 -1.17 16.12 40.61
N CYS D 22 -2.10 15.99 39.68
CA CYS D 22 -1.86 16.35 38.28
C CYS D 22 -3.17 16.88 37.70
N ALA D 23 -3.29 18.19 37.59
CA ALA D 23 -4.44 18.78 36.93
C ALA D 23 -4.24 18.74 35.42
N ALA D 24 -5.27 18.30 34.71
CA ALA D 24 -5.21 18.16 33.26
C ALA D 24 -6.35 18.92 32.63
N SER D 25 -6.04 19.71 31.62
CA SER D 25 -7.03 20.52 30.91
C SER D 25 -6.84 20.32 29.42
N GLY D 26 -7.94 20.47 28.69
CA GLY D 26 -7.89 20.41 27.25
C GLY D 26 -8.17 19.05 26.64
N PHE D 27 -8.41 18.03 27.46
CA PHE D 27 -8.80 16.75 26.90
C PHE D 27 -9.70 16.02 27.89
N THR D 28 -10.51 15.11 27.35
CA THR D 28 -11.34 14.22 28.16
C THR D 28 -10.44 13.23 28.88
N PHE D 29 -10.37 13.37 30.21
CA PHE D 29 -9.46 12.58 31.03
C PHE D 29 -9.85 11.10 31.10
N SER D 30 -11.11 10.78 30.89
CA SER D 30 -11.62 9.43 31.03
C SER D 30 -11.42 8.57 29.80
N ASN D 31 -10.85 9.12 28.73
CA ASN D 31 -10.65 8.38 27.48
C ASN D 31 -9.21 7.96 27.28
N TYR D 32 -8.31 8.34 28.18
CA TYR D 32 -6.88 8.13 27.97
C TYR D 32 -6.26 7.46 29.18
N LYS D 33 -5.37 6.50 28.93
CA LYS D 33 -4.50 6.01 29.99
C LYS D 33 -3.52 7.11 30.39
N MET D 34 -3.22 7.21 31.68
CA MET D 34 -2.28 8.20 32.17
C MET D 34 -1.09 7.51 32.83
N ASN D 35 0.01 8.26 32.89
CA ASN D 35 1.31 7.71 33.26
C ASN D 35 1.99 8.65 34.25
N TRP D 36 2.90 8.09 35.04
CA TRP D 36 3.88 8.87 35.78
C TRP D 36 5.26 8.45 35.30
N VAL D 37 6.09 9.42 34.96
CA VAL D 37 7.47 9.17 34.58
C VAL D 37 8.37 10.07 35.39
N ARG D 38 9.47 9.52 35.90
CA ARG D 38 10.43 10.29 36.67
C ARG D 38 11.75 10.35 35.94
N GLN D 39 12.49 11.43 36.18
CA GLN D 39 13.85 11.58 35.66
C GLN D 39 14.74 11.94 36.84
N ALA D 40 15.52 10.96 37.30
CA ALA D 40 16.53 11.21 38.30
C ALA D 40 17.68 11.97 37.66
N PRO D 41 18.43 12.81 38.44
CA PRO D 41 19.51 13.65 37.86
C PRO D 41 20.64 12.93 37.13
N GLY D 42 20.71 13.18 35.83
CA GLY D 42 21.73 12.61 34.97
C GLY D 42 21.67 11.12 34.73
N LYS D 43 20.47 10.54 34.67
CA LYS D 43 20.35 9.16 34.25
C LYS D 43 19.09 8.89 33.42
N GLY D 44 18.50 9.93 32.84
CA GLY D 44 17.42 9.75 31.89
C GLY D 44 16.07 9.47 32.54
N LEU D 45 15.07 9.28 31.68
CA LEU D 45 13.70 9.07 32.11
C LEU D 45 13.48 7.62 32.52
N GLU D 46 12.38 7.39 33.24
CA GLU D 46 12.03 6.08 33.76
C GLU D 46 10.54 6.06 34.05
N TRP D 47 9.86 5.02 33.58
CA TRP D 47 8.42 4.91 33.77
C TRP D 47 8.13 4.38 35.17
N VAL D 48 7.12 4.93 35.81
CA VAL D 48 6.82 4.64 37.21
C VAL D 48 5.53 3.85 37.35
N SER D 49 4.42 4.37 36.83
CA SER D 49 3.11 3.78 37.07
C SER D 49 2.20 4.10 35.91
N ASP D 50 1.11 3.32 35.78
CA ASP D 50 0.12 3.60 34.74
C ASP D 50 -1.28 3.08 35.07
N ILE D 51 -2.26 3.98 35.13
CA ILE D 51 -3.64 3.60 35.37
C ILE D 51 -4.41 3.79 34.05
N SER D 52 -5.34 2.88 33.78
CA SER D 52 -6.09 2.93 32.55
C SER D 52 -7.39 3.70 32.78
N GLN D 53 -8.22 3.72 31.75
CA GLN D 53 -9.55 4.33 31.81
C GLN D 53 -10.43 3.60 32.81
N SER D 54 -10.89 4.36 33.82
CA SER D 54 -11.68 3.90 34.97
C SER D 54 -10.98 2.78 35.76
N GLY D 55 -9.65 2.88 35.87
CA GLY D 55 -8.84 1.94 36.62
C GLY D 55 -8.75 0.57 35.99
N ALA D 56 -8.57 -0.43 36.86
CA ALA D 56 -8.61 -1.87 36.60
C ALA D 56 -7.49 -2.37 35.67
N SER D 57 -6.45 -1.57 35.44
CA SER D 57 -5.25 -2.06 34.75
C SER D 57 -3.99 -1.44 35.34
N ILE D 58 -3.97 -1.26 36.65
CA ILE D 58 -2.88 -0.58 37.34
C ILE D 58 -1.63 -1.46 37.35
N SER D 59 -0.52 -0.92 36.84
CA SER D 59 0.77 -1.61 36.90
C SER D 59 1.87 -0.62 37.24
N TYR D 60 2.93 -1.14 37.88
CA TYR D 60 3.99 -0.36 38.50
C TYR D 60 5.34 -0.82 37.96
N THR D 61 6.34 0.05 38.05
CA THR D 61 7.71 -0.45 37.95
C THR D 61 8.11 -1.08 39.28
N GLY D 62 9.17 -1.89 39.22
CA GLY D 62 9.49 -2.77 40.34
C GLY D 62 10.01 -2.06 41.57
N SER D 63 10.73 -0.96 41.38
CA SER D 63 11.36 -0.27 42.50
C SER D 63 10.38 0.48 43.40
N VAL D 64 9.14 0.71 42.96
CA VAL D 64 8.19 1.47 43.75
C VAL D 64 6.93 0.63 44.01
N LYS D 65 7.08 -0.69 43.88
CA LYS D 65 5.96 -1.62 43.65
C LYS D 65 5.01 -1.69 44.85
N GLY D 66 5.53 -2.07 46.02
CA GLY D 66 4.70 -2.06 47.20
C GLY D 66 4.48 -0.69 47.80
N ARG D 67 5.32 0.28 47.43
CA ARG D 67 5.33 1.56 48.14
C ARG D 67 4.34 2.55 47.54
N PHE D 68 4.51 2.91 46.27
CA PHE D 68 3.76 4.02 45.69
C PHE D 68 2.41 3.51 45.20
N THR D 69 1.43 4.39 45.18
CA THR D 69 0.14 4.03 44.61
C THR D 69 -0.43 5.16 43.76
N ILE D 70 -1.08 4.77 42.67
CA ILE D 70 -1.64 5.69 41.69
C ILE D 70 -3.17 5.64 41.81
N SER D 71 -3.81 6.78 41.55
CA SER D 71 -5.26 6.86 41.54
C SER D 71 -5.68 8.00 40.62
N ARG D 72 -6.58 7.71 39.70
CA ARG D 72 -7.17 8.73 38.85
C ARG D 72 -8.54 9.11 39.39
N ASP D 73 -8.99 10.32 39.04
CA ASP D 73 -10.33 10.79 39.38
C ASP D 73 -10.91 11.37 38.09
N ASN D 74 -11.89 10.68 37.51
CA ASN D 74 -12.52 11.16 36.28
C ASN D 74 -13.74 12.03 36.57
N ALA D 75 -13.59 12.98 37.49
CA ALA D 75 -14.58 14.03 37.74
C ALA D 75 -13.95 15.40 37.67
N LYS D 76 -12.85 15.61 38.37
CA LYS D 76 -12.10 16.86 38.35
C LYS D 76 -10.96 16.83 37.34
N ASN D 77 -10.86 15.75 36.56
CA ASN D 77 -9.79 15.47 35.58
C ASN D 77 -8.41 15.53 36.23
N THR D 78 -8.26 14.81 37.34
CA THR D 78 -7.07 14.90 38.16
C THR D 78 -6.46 13.51 38.32
N LEU D 79 -5.13 13.46 38.30
CA LEU D 79 -4.37 12.24 38.51
C LEU D 79 -3.58 12.38 39.80
N TYR D 80 -3.44 11.26 40.52
CA TYR D 80 -2.76 11.29 41.81
C TYR D 80 -1.72 10.18 41.89
N LEU D 81 -0.61 10.48 42.56
CA LEU D 81 0.41 9.51 42.91
C LEU D 81 0.72 9.68 44.38
N GLN D 82 0.27 8.76 45.21
CA GLN D 82 0.53 8.78 46.64
C GLN D 82 1.81 8.01 46.92
N MET D 83 2.78 8.68 47.53
CA MET D 83 4.07 8.11 47.83
C MET D 83 4.12 7.84 49.33
N ASN D 84 4.35 6.58 49.71
CA ASN D 84 4.19 6.20 51.12
C ASN D 84 5.50 6.16 51.89
N SER D 85 6.56 5.59 51.34
CA SER D 85 7.85 5.50 52.02
C SER D 85 8.95 5.69 50.99
N LEU D 86 9.77 6.72 51.16
CA LEU D 86 10.67 7.16 50.10
C LEU D 86 12.11 6.90 50.49
N LYS D 87 12.84 6.20 49.65
CA LYS D 87 14.29 6.08 49.74
C LYS D 87 14.93 7.32 49.11
N PRO D 88 16.18 7.67 49.43
CA PRO D 88 16.79 8.83 48.76
C PRO D 88 17.44 8.54 47.41
N GLU D 89 17.25 7.35 46.84
CA GLU D 89 17.50 7.14 45.43
C GLU D 89 16.24 7.31 44.60
N ASP D 90 15.15 7.76 45.22
CA ASP D 90 13.92 8.11 44.51
C ASP D 90 13.84 9.59 44.17
N THR D 91 14.90 10.36 44.42
CA THR D 91 14.90 11.77 44.10
C THR D 91 15.00 11.98 42.58
N ALA D 92 14.06 12.76 42.05
CA ALA D 92 13.83 12.88 40.62
C ALA D 92 12.90 14.07 40.37
N VAL D 93 12.78 14.41 39.09
CA VAL D 93 11.69 15.26 38.61
C VAL D 93 10.59 14.32 38.13
N TYR D 94 9.46 14.30 38.83
CA TYR D 94 8.36 13.42 38.44
C TYR D 94 7.43 14.17 37.48
N TYR D 95 7.07 13.50 36.41
CA TYR D 95 6.24 14.10 35.37
C TYR D 95 4.93 13.36 35.20
N CYS D 96 3.86 14.13 35.09
CA CYS D 96 2.57 13.61 34.66
C CYS D 96 2.62 13.44 33.15
N ALA D 97 2.41 12.22 32.68
CA ALA D 97 2.45 11.95 31.25
C ALA D 97 1.19 11.26 30.79
N ARG D 98 0.96 11.18 29.48
CA ARG D 98 -0.26 10.58 28.98
C ARG D 98 0.00 9.61 27.82
N CYS D 99 -0.77 8.53 27.76
CA CYS D 99 -0.62 7.60 26.64
C CYS D 99 -0.86 8.38 25.36
N PRO D 100 -0.07 8.10 24.31
CA PRO D 100 -0.17 8.89 23.07
C PRO D 100 -1.57 9.07 22.49
N ALA D 101 -2.28 7.98 22.21
CA ALA D 101 -3.60 8.10 21.56
C ALA D 101 -4.73 7.77 22.52
N PRO D 102 -5.98 8.11 22.14
CA PRO D 102 -7.05 7.70 23.07
C PRO D 102 -7.63 6.33 22.75
N PHE D 103 -8.46 5.79 23.63
CA PHE D 103 -9.12 4.52 23.38
C PHE D 103 -8.15 3.39 23.02
N THR D 104 -7.17 3.15 23.88
CA THR D 104 -6.20 2.07 23.64
C THR D 104 -5.28 1.95 24.84
N ARG D 105 -4.60 0.81 24.99
CA ARG D 105 -3.65 0.73 26.09
C ARG D 105 -2.21 0.77 25.59
N ASP D 106 -1.99 1.45 24.47
CA ASP D 106 -0.75 1.34 23.70
C ASP D 106 0.12 2.57 23.97
N CYS D 107 0.80 2.56 25.10
CA CYS D 107 1.68 3.67 25.45
C CYS D 107 3.04 3.50 24.79
N PHE D 108 3.18 4.07 23.61
CA PHE D 108 4.48 4.29 23.02
C PHE D 108 5.02 5.64 23.44
N ASP D 109 6.35 5.77 23.36
CA ASP D 109 7.25 6.91 23.54
C ASP D 109 6.85 7.90 24.63
N VAL D 110 6.46 7.35 25.78
CA VAL D 110 6.10 8.15 26.95
C VAL D 110 7.35 8.67 27.64
N THR D 111 8.38 7.83 27.76
CA THR D 111 9.64 8.19 28.37
C THR D 111 10.59 8.86 27.40
N SER D 112 10.18 9.05 26.16
CA SER D 112 11.02 9.64 25.12
C SER D 112 11.24 11.13 25.38
N THR D 113 12.44 11.59 25.06
CA THR D 113 12.80 13.00 25.20
C THR D 113 12.04 13.83 24.17
N THR D 114 11.67 15.05 24.59
CA THR D 114 10.77 15.98 23.88
C THR D 114 9.44 15.32 23.52
N TYR D 115 8.83 14.70 24.51
CA TYR D 115 7.47 14.18 24.39
C TYR D 115 6.47 15.29 24.64
N ALA D 116 5.45 15.37 23.79
CA ALA D 116 4.56 16.52 23.76
C ALA D 116 3.60 16.53 24.94
N TYR D 117 2.91 15.41 25.18
CA TYR D 117 1.83 15.38 26.17
C TYR D 117 2.35 14.87 27.51
N ARG D 118 3.36 15.59 28.01
CA ARG D 118 3.97 15.31 29.29
C ARG D 118 4.03 16.63 30.03
N GLY D 119 3.95 16.57 31.36
CA GLY D 119 3.92 17.78 32.15
C GLY D 119 5.25 18.49 32.22
N GLN D 120 5.20 19.70 32.79
CA GLN D 120 6.39 20.52 32.95
C GLN D 120 7.33 19.92 33.98
N GLY D 121 6.80 19.43 35.08
CA GLY D 121 7.58 18.67 36.05
C GLY D 121 7.34 19.16 37.46
N THR D 122 7.70 18.32 38.41
CA THR D 122 7.70 18.69 39.82
C THR D 122 8.86 17.99 40.51
N GLN D 123 9.57 18.73 41.35
CA GLN D 123 10.78 18.21 41.96
C GLN D 123 10.48 17.53 43.28
N VAL D 124 10.92 16.29 43.43
CA VAL D 124 10.82 15.55 44.68
C VAL D 124 12.23 15.24 45.14
N THR D 125 12.64 15.83 46.26
CA THR D 125 13.99 15.70 46.79
C THR D 125 13.92 15.04 48.16
N VAL D 126 14.68 13.97 48.33
CA VAL D 126 14.70 13.21 49.58
C VAL D 126 16.12 13.25 50.14
N SER D 127 16.26 13.82 51.34
CA SER D 127 17.56 13.91 51.99
C SER D 127 17.42 13.93 53.51
N ALA E 606 -34.21 -46.42 -0.44
CA ALA E 606 -33.50 -46.63 0.81
C ALA E 606 -32.50 -45.52 1.04
N LEU E 607 -31.24 -45.83 0.81
CA LEU E 607 -30.28 -44.79 0.91
C LEU E 607 -30.63 -43.93 -0.26
N THR E 608 -31.15 -44.53 -1.31
CA THR E 608 -31.47 -43.80 -2.52
C THR E 608 -32.16 -42.53 -2.14
N PHE E 609 -33.02 -42.61 -1.12
CA PHE E 609 -33.80 -41.44 -0.72
C PHE E 609 -32.94 -40.35 -0.13
N ILE E 610 -32.26 -40.67 0.97
CA ILE E 610 -31.40 -39.69 1.60
C ILE E 610 -30.46 -39.16 0.56
N THR E 611 -30.03 -40.02 -0.35
CA THR E 611 -29.16 -39.59 -1.42
C THR E 611 -29.70 -38.37 -2.13
N TYR E 612 -31.01 -38.33 -2.39
CA TYR E 612 -31.54 -37.22 -3.17
C TYR E 612 -31.71 -35.96 -2.33
N ILE E 613 -32.09 -36.11 -1.06
CA ILE E 613 -32.13 -34.94 -0.19
C ILE E 613 -30.74 -34.49 0.18
N GLY E 614 -29.77 -35.42 0.21
CA GLY E 614 -28.40 -35.05 0.52
C GLY E 614 -27.72 -34.29 -0.59
N CYS E 615 -27.90 -34.75 -1.84
CA CYS E 615 -27.33 -34.06 -3.00
C CYS E 615 -27.96 -32.69 -3.19
N GLY E 616 -29.26 -32.57 -2.90
CA GLY E 616 -29.90 -31.27 -2.92
C GLY E 616 -29.37 -30.34 -1.85
N LEU E 617 -29.22 -30.85 -0.61
CA LEU E 617 -28.70 -30.05 0.49
C LEU E 617 -27.22 -29.74 0.31
N SER E 618 -26.48 -30.59 -0.40
CA SER E 618 -25.12 -30.26 -0.80
C SER E 618 -25.11 -29.11 -1.79
N SER E 619 -25.90 -29.23 -2.86
CA SER E 619 -25.82 -28.32 -4.01
C SER E 619 -26.25 -26.88 -3.70
N ILE E 620 -27.39 -26.72 -2.99
CA ILE E 620 -27.93 -25.38 -2.79
C ILE E 620 -27.08 -24.59 -1.78
N PHE E 621 -26.46 -25.28 -0.81
CA PHE E 621 -25.59 -24.59 0.12
C PHE E 621 -24.14 -24.53 -0.38
N LEU E 622 -23.79 -25.30 -1.41
CA LEU E 622 -22.57 -25.00 -2.16
C LEU E 622 -22.74 -23.78 -3.03
N SER E 623 -23.98 -23.53 -3.48
CA SER E 623 -24.26 -22.35 -4.29
C SER E 623 -24.15 -21.08 -3.45
N VAL E 624 -24.52 -21.16 -2.17
CA VAL E 624 -24.34 -20.05 -1.22
C VAL E 624 -22.85 -19.78 -1.01
N THR E 625 -22.03 -20.83 -1.00
CA THR E 625 -20.58 -20.70 -0.83
C THR E 625 -19.94 -20.01 -2.03
N LEU E 626 -20.38 -20.34 -3.24
CA LEU E 626 -19.80 -19.74 -4.44
C LEU E 626 -20.21 -18.29 -4.64
N VAL E 627 -21.47 -17.94 -4.33
CA VAL E 627 -21.88 -16.54 -4.50
C VAL E 627 -21.23 -15.66 -3.43
N THR E 628 -20.91 -16.25 -2.27
CA THR E 628 -20.21 -15.49 -1.24
C THR E 628 -18.76 -15.22 -1.62
N TYR E 629 -18.06 -16.25 -2.10
CA TYR E 629 -16.63 -16.11 -2.33
C TYR E 629 -16.29 -15.35 -3.62
N ILE E 630 -17.10 -15.44 -4.67
CA ILE E 630 -16.80 -14.70 -5.89
C ILE E 630 -17.17 -13.22 -5.77
N ALA E 631 -18.23 -12.89 -5.04
CA ALA E 631 -18.66 -11.51 -4.94
C ALA E 631 -17.93 -10.73 -3.85
N PHE E 632 -17.75 -11.32 -2.67
CA PHE E 632 -17.05 -10.67 -1.58
C PHE E 632 -15.56 -10.94 -1.75
N GLU E 633 -14.80 -9.91 -2.09
CA GLU E 633 -13.39 -10.06 -2.44
C GLU E 633 -12.46 -10.05 -1.23
N LYS E 634 -12.99 -9.82 -0.02
CA LYS E 634 -12.15 -9.77 1.17
C LYS E 634 -11.81 -11.14 1.72
N ILE E 635 -12.43 -12.21 1.22
CA ILE E 635 -12.25 -13.55 1.75
C ILE E 635 -11.65 -14.46 0.70
N ARG E 636 -10.91 -13.87 -0.25
CA ARG E 636 -10.39 -14.60 -1.40
C ARG E 636 -8.90 -14.32 -1.59
N ARG E 637 -8.28 -13.56 -0.68
CA ARG E 637 -6.89 -13.13 -0.85
C ARG E 637 -5.91 -14.28 -0.67
N ASP E 638 -6.12 -15.14 0.33
CA ASP E 638 -5.19 -16.23 0.60
C ASP E 638 -5.38 -17.38 -0.38
N TYR E 639 -4.30 -18.13 -0.58
CA TYR E 639 -4.32 -19.27 -1.51
C TYR E 639 -5.21 -20.46 -1.13
N PRO E 640 -5.45 -20.83 0.16
CA PRO E 640 -6.51 -21.83 0.42
C PRO E 640 -7.92 -21.43 -0.01
N SER E 641 -8.25 -20.14 -0.03
CA SER E 641 -9.60 -19.71 -0.42
C SER E 641 -9.87 -19.94 -1.90
N LYS E 642 -8.89 -19.69 -2.75
CA LYS E 642 -9.11 -19.87 -4.19
C LYS E 642 -9.13 -21.34 -4.59
N ILE E 643 -8.38 -22.19 -3.87
CA ILE E 643 -8.50 -23.64 -4.06
C ILE E 643 -9.84 -24.14 -3.56
N LEU E 644 -10.38 -23.50 -2.52
CA LEU E 644 -11.69 -23.86 -1.95
C LEU E 644 -12.83 -23.59 -2.94
N ILE E 645 -12.76 -22.48 -3.68
CA ILE E 645 -13.76 -22.14 -4.69
C ILE E 645 -13.78 -23.17 -5.81
N GLN E 646 -12.59 -23.57 -6.26
CA GLN E 646 -12.48 -24.54 -7.34
C GLN E 646 -12.92 -25.94 -6.90
N LEU E 647 -12.69 -26.26 -5.62
CA LEU E 647 -13.22 -27.52 -5.07
C LEU E 647 -14.74 -27.45 -4.93
N CYS E 648 -15.27 -26.31 -4.51
CA CYS E 648 -16.72 -26.13 -4.42
C CYS E 648 -17.37 -26.08 -5.80
N ALA E 649 -16.69 -25.48 -6.79
CA ALA E 649 -17.23 -25.46 -8.15
C ALA E 649 -17.24 -26.85 -8.76
N ALA E 650 -16.23 -27.67 -8.43
CA ALA E 650 -16.25 -29.07 -8.82
C ALA E 650 -17.37 -29.83 -8.13
N LEU E 651 -17.57 -29.58 -6.85
CA LEU E 651 -18.56 -30.33 -6.08
C LEU E 651 -19.99 -29.85 -6.36
N LEU E 652 -20.16 -28.57 -6.73
CA LEU E 652 -21.44 -28.10 -7.22
C LEU E 652 -21.85 -28.80 -8.50
N LEU E 653 -20.95 -28.80 -9.49
CA LEU E 653 -21.26 -29.36 -10.79
C LEU E 653 -21.35 -30.88 -10.75
N LEU E 654 -20.70 -31.52 -9.79
CA LEU E 654 -20.79 -32.98 -9.67
C LEU E 654 -22.19 -33.38 -9.22
N ASN E 655 -22.71 -32.70 -8.20
CA ASN E 655 -24.03 -33.03 -7.67
C ASN E 655 -25.13 -32.77 -8.68
N LEU E 656 -25.08 -31.63 -9.36
CA LEU E 656 -26.11 -31.28 -10.33
C LEU E 656 -26.16 -32.24 -11.50
N ILE E 657 -24.99 -32.70 -11.98
CA ILE E 657 -24.96 -33.70 -13.04
C ILE E 657 -25.46 -35.05 -12.54
N PHE E 658 -25.12 -35.39 -11.27
CA PHE E 658 -25.56 -36.66 -10.69
C PHE E 658 -27.08 -36.68 -10.46
N LEU E 659 -27.65 -35.55 -10.03
CA LEU E 659 -29.09 -35.44 -9.95
C LEU E 659 -29.73 -35.42 -11.33
N LEU E 660 -29.03 -34.87 -12.33
CA LEU E 660 -29.47 -34.98 -13.71
C LEU E 660 -29.33 -36.41 -14.21
N ASP E 661 -28.27 -37.11 -13.78
CA ASP E 661 -28.10 -38.50 -14.20
C ASP E 661 -29.05 -39.45 -13.48
N SER E 662 -29.67 -39.02 -12.39
CA SER E 662 -30.57 -39.88 -11.65
C SER E 662 -32.02 -39.76 -12.10
N TRP E 663 -32.43 -38.65 -12.71
CA TRP E 663 -33.80 -38.50 -13.17
C TRP E 663 -33.95 -38.26 -14.67
N ILE E 664 -32.91 -37.83 -15.37
CA ILE E 664 -32.98 -37.64 -16.83
C ILE E 664 -32.25 -38.79 -17.54
N ALA E 665 -32.10 -39.93 -16.86
CA ALA E 665 -31.60 -41.16 -17.46
C ALA E 665 -32.69 -41.94 -18.19
N LEU E 666 -33.94 -41.45 -18.19
CA LEU E 666 -35.06 -42.15 -18.83
C LEU E 666 -34.90 -42.23 -20.34
N TYR E 667 -34.20 -41.26 -20.94
CA TYR E 667 -33.87 -41.30 -22.36
C TYR E 667 -32.93 -42.47 -22.65
N ASN E 668 -33.20 -43.16 -23.76
CA ASN E 668 -32.43 -44.33 -24.15
C ASN E 668 -31.48 -44.09 -25.32
N THR E 669 -31.35 -42.85 -25.77
CA THR E 669 -30.34 -42.39 -26.72
C THR E 669 -28.93 -42.75 -26.27
N ARG E 670 -28.18 -43.41 -27.16
CA ARG E 670 -26.79 -43.77 -26.90
C ARG E 670 -25.90 -42.54 -26.71
N GLY E 671 -26.08 -41.50 -27.51
CA GLY E 671 -25.17 -40.37 -27.38
C GLY E 671 -25.08 -39.80 -25.98
N PHE E 672 -26.19 -39.27 -25.48
CA PHE E 672 -26.18 -38.59 -24.20
C PHE E 672 -26.09 -39.49 -22.97
N CYS E 673 -26.43 -40.77 -23.10
CA CYS E 673 -26.24 -41.65 -21.97
C CYS E 673 -24.75 -41.66 -21.69
N ILE E 674 -23.95 -41.74 -22.75
CA ILE E 674 -22.51 -41.69 -22.59
C ILE E 674 -22.09 -40.29 -22.17
N ALA E 675 -22.66 -39.28 -22.81
CA ALA E 675 -22.31 -37.89 -22.48
C ALA E 675 -22.45 -37.63 -21.00
N VAL E 676 -23.65 -37.81 -20.47
CA VAL E 676 -23.89 -37.59 -19.04
C VAL E 676 -22.97 -38.49 -18.20
N ALA E 677 -22.59 -39.66 -18.70
CA ALA E 677 -21.63 -40.48 -17.98
C ALA E 677 -20.21 -39.98 -18.15
N VAL E 678 -19.93 -39.27 -19.24
CA VAL E 678 -18.67 -38.51 -19.34
C VAL E 678 -18.65 -37.39 -18.30
N PHE E 679 -19.76 -36.65 -18.19
CA PHE E 679 -19.80 -35.47 -17.33
C PHE E 679 -19.82 -35.85 -15.85
N LEU E 680 -20.48 -36.95 -15.51
CA LEU E 680 -20.42 -37.46 -14.14
C LEU E 680 -19.03 -37.98 -13.79
N HIS E 681 -18.32 -38.57 -14.76
CA HIS E 681 -16.97 -39.08 -14.51
C HIS E 681 -15.93 -37.97 -14.41
N TYR E 682 -16.04 -36.96 -15.27
CA TYR E 682 -15.06 -35.87 -15.26
C TYR E 682 -15.21 -35.04 -13.99
N PHE E 683 -16.44 -34.73 -13.58
CA PHE E 683 -16.70 -33.94 -12.39
C PHE E 683 -16.35 -34.69 -11.11
N LEU E 684 -16.42 -36.03 -11.14
CA LEU E 684 -15.98 -36.81 -10.00
C LEU E 684 -14.45 -36.83 -9.91
N LEU E 685 -13.77 -36.92 -11.05
CA LEU E 685 -12.31 -36.94 -11.03
C LEU E 685 -11.70 -35.55 -10.85
N VAL E 686 -12.39 -34.49 -11.28
CA VAL E 686 -11.94 -33.13 -10.99
C VAL E 686 -12.02 -32.85 -9.49
N SER E 687 -13.10 -33.30 -8.86
CA SER E 687 -13.28 -33.11 -7.42
C SER E 687 -12.28 -33.90 -6.60
N PHE E 688 -11.95 -35.13 -7.05
CA PHE E 688 -10.90 -35.91 -6.40
C PHE E 688 -9.53 -35.28 -6.54
N THR E 689 -9.24 -34.69 -7.71
CA THR E 689 -7.96 -34.04 -7.92
C THR E 689 -7.84 -32.76 -7.09
N TRP E 690 -8.94 -32.03 -6.94
CA TRP E 690 -8.91 -30.80 -6.15
C TRP E 690 -8.84 -31.09 -4.65
N MET E 691 -9.34 -32.27 -4.25
CA MET E 691 -9.08 -32.78 -2.89
C MET E 691 -7.61 -33.06 -2.69
N GLY E 692 -6.95 -33.64 -3.70
CA GLY E 692 -5.53 -33.90 -3.60
C GLY E 692 -4.69 -32.64 -3.69
N LEU E 693 -5.14 -31.66 -4.48
CA LEU E 693 -4.39 -30.41 -4.58
C LEU E 693 -4.58 -29.54 -3.35
N GLU E 694 -5.70 -29.70 -2.63
CA GLU E 694 -5.82 -29.12 -1.31
C GLU E 694 -4.83 -29.76 -0.34
N ALA E 695 -4.64 -31.07 -0.47
CA ALA E 695 -3.60 -31.75 0.30
C ALA E 695 -2.20 -31.37 -0.17
N PHE E 696 -2.04 -31.18 -1.49
CA PHE E 696 -0.73 -30.82 -2.04
C PHE E 696 -0.33 -29.40 -1.66
N HIS E 697 -1.32 -28.51 -1.51
CA HIS E 697 -1.04 -27.13 -1.12
C HIS E 697 -0.54 -27.05 0.32
N MET E 698 -1.05 -27.92 1.20
CA MET E 698 -0.59 -27.90 2.59
C MET E 698 0.80 -28.50 2.76
N TYR E 699 1.28 -29.28 1.80
CA TYR E 699 2.69 -29.67 1.83
C TYR E 699 3.57 -28.48 1.46
N LEU E 700 3.05 -27.60 0.61
CA LEU E 700 3.71 -26.35 0.27
C LEU E 700 3.21 -25.19 1.13
N ALA E 701 2.63 -25.48 2.30
CA ALA E 701 2.29 -24.47 3.28
C ALA E 701 2.69 -24.82 4.70
N LEU E 702 2.87 -26.10 5.02
CA LEU E 702 3.20 -26.54 6.36
C LEU E 702 4.50 -27.33 6.44
N VAL E 703 4.80 -28.13 5.42
CA VAL E 703 6.05 -28.89 5.40
C VAL E 703 7.14 -28.06 4.73
N LYS E 704 6.94 -27.76 3.45
CA LYS E 704 7.78 -26.79 2.74
C LYS E 704 7.13 -25.42 2.90
N VAL E 705 7.65 -24.60 3.81
CA VAL E 705 6.92 -23.45 4.29
C VAL E 705 7.32 -22.24 3.47
N PHE E 706 8.57 -22.24 3.03
CA PHE E 706 9.16 -21.13 2.30
C PHE E 706 9.19 -21.40 0.81
N ASN E 707 9.33 -20.31 0.04
CA ASN E 707 9.55 -20.27 -1.41
C ASN E 707 8.46 -21.00 -2.19
N THR E 708 7.21 -20.74 -1.80
CA THR E 708 6.06 -21.40 -2.38
C THR E 708 5.11 -20.39 -3.02
N TYR E 709 5.68 -19.38 -3.67
CA TYR E 709 4.93 -18.50 -4.56
C TYR E 709 5.46 -18.75 -5.97
N ILE E 710 4.74 -19.58 -6.70
CA ILE E 710 4.90 -19.72 -8.14
C ILE E 710 3.88 -18.79 -8.78
N ARG E 711 4.31 -18.01 -9.78
CA ARG E 711 3.41 -17.15 -10.52
C ARG E 711 2.35 -17.98 -11.24
N LYS E 712 1.11 -17.47 -11.21
CA LYS E 712 -0.11 -18.16 -11.67
C LYS E 712 -0.29 -19.50 -10.95
N TYR E 713 -0.25 -19.46 -9.62
CA TYR E 713 -0.28 -20.66 -8.77
C TYR E 713 -1.60 -21.41 -8.90
N ILE E 714 -2.72 -20.69 -8.87
CA ILE E 714 -4.03 -21.32 -9.02
C ILE E 714 -4.23 -21.81 -10.45
N LEU E 715 -3.65 -21.09 -11.42
CA LEU E 715 -3.77 -21.45 -12.83
C LEU E 715 -3.02 -22.74 -13.16
N LYS E 716 -1.86 -22.96 -12.54
CA LYS E 716 -1.20 -24.25 -12.62
C LYS E 716 -2.02 -25.34 -11.91
N PHE E 717 -2.67 -25.00 -10.80
CA PHE E 717 -3.55 -25.95 -10.14
C PHE E 717 -4.81 -26.23 -10.95
N CYS E 718 -5.28 -25.26 -11.75
CA CYS E 718 -6.45 -25.49 -12.58
C CYS E 718 -6.13 -26.42 -13.75
N ILE E 719 -4.90 -26.36 -14.26
CA ILE E 719 -4.45 -27.30 -15.28
C ILE E 719 -4.34 -28.71 -14.69
N VAL E 720 -3.87 -28.81 -13.45
CA VAL E 720 -3.85 -30.12 -12.80
C VAL E 720 -5.25 -30.54 -12.39
N GLY E 721 -6.06 -29.60 -11.88
CA GLY E 721 -7.37 -29.96 -11.35
C GLY E 721 -8.43 -30.24 -12.39
N TRP E 722 -8.43 -29.51 -13.50
CA TRP E 722 -9.44 -29.65 -14.54
C TRP E 722 -8.92 -30.32 -15.82
N GLY E 723 -7.61 -30.41 -16.00
CA GLY E 723 -7.06 -30.92 -17.24
C GLY E 723 -6.44 -32.30 -17.17
N ILE E 724 -5.80 -32.62 -16.05
CA ILE E 724 -5.38 -34.01 -15.78
C ILE E 724 -6.57 -34.97 -15.69
N PRO E 725 -7.72 -34.62 -15.05
CA PRO E 725 -8.92 -35.43 -15.34
C PRO E 725 -9.42 -35.36 -16.77
N ALA E 726 -9.18 -34.27 -17.51
CA ALA E 726 -9.67 -34.15 -18.89
C ALA E 726 -8.95 -35.09 -19.84
N VAL E 727 -7.66 -35.35 -19.58
CA VAL E 727 -6.91 -36.31 -20.39
C VAL E 727 -7.44 -37.72 -20.19
N VAL E 728 -7.66 -38.10 -18.94
CA VAL E 728 -7.91 -39.50 -18.62
C VAL E 728 -9.35 -39.92 -18.95
N VAL E 729 -10.29 -38.98 -18.92
CA VAL E 729 -11.65 -39.30 -19.37
C VAL E 729 -11.67 -39.38 -20.91
N SER E 730 -10.77 -38.65 -21.57
CA SER E 730 -10.71 -38.65 -23.03
C SER E 730 -10.12 -39.96 -23.56
N ILE E 731 -9.07 -40.46 -22.90
CA ILE E 731 -8.35 -41.62 -23.44
C ILE E 731 -9.12 -42.92 -23.20
N VAL E 732 -9.91 -42.99 -22.12
CA VAL E 732 -10.72 -44.18 -21.92
C VAL E 732 -11.95 -44.13 -22.82
N LEU E 733 -12.38 -42.94 -23.23
CA LEU E 733 -13.42 -42.82 -24.23
C LEU E 733 -12.88 -43.15 -25.62
N THR E 734 -11.58 -42.86 -25.85
CA THR E 734 -10.94 -43.15 -27.13
C THR E 734 -10.71 -44.65 -27.31
N ILE E 735 -10.33 -45.36 -26.23
CA ILE E 735 -10.06 -46.80 -26.28
C ILE E 735 -11.32 -47.58 -26.61
N SER E 736 -12.39 -47.28 -25.87
CA SER E 736 -13.67 -47.95 -26.08
C SER E 736 -14.76 -47.12 -25.42
N PRO E 737 -15.47 -46.30 -26.21
CA PRO E 737 -16.49 -45.40 -25.64
C PRO E 737 -17.66 -46.14 -24.99
N ASP E 738 -17.87 -47.40 -25.34
CA ASP E 738 -19.01 -48.15 -24.82
C ASP E 738 -19.02 -48.23 -23.29
N ASN E 739 -17.86 -48.13 -22.67
CA ASN E 739 -17.79 -48.29 -21.21
C ASN E 739 -18.70 -47.33 -20.46
N TYR E 740 -18.67 -46.04 -20.82
CA TYR E 740 -19.47 -45.06 -20.09
C TYR E 740 -20.96 -45.27 -20.23
N GLY E 741 -21.43 -45.52 -21.45
CA GLY E 741 -22.86 -45.67 -21.67
C GLY E 741 -23.34 -47.05 -21.29
N ILE E 742 -24.10 -47.15 -20.20
CA ILE E 742 -24.61 -48.44 -19.75
C ILE E 742 -25.25 -49.21 -20.90
N PHE E 756 -29.38 -46.03 -15.00
CA PHE E 756 -28.39 -45.07 -14.54
C PHE E 756 -27.09 -45.23 -15.32
N CYS E 757 -26.74 -44.22 -16.10
CA CYS E 757 -25.58 -44.29 -17.00
C CYS E 757 -24.30 -44.09 -16.20
N TRP E 758 -23.64 -45.20 -15.88
CA TRP E 758 -22.32 -45.20 -15.25
C TRP E 758 -21.54 -46.29 -15.98
N ILE E 759 -20.22 -46.33 -15.72
CA ILE E 759 -19.26 -47.17 -16.44
C ILE E 759 -19.60 -48.65 -16.32
N ASN E 760 -19.75 -49.32 -17.47
CA ASN E 760 -20.12 -50.73 -17.54
C ASN E 760 -18.98 -51.65 -17.91
N SER E 761 -17.80 -51.10 -18.26
CA SER E 761 -16.66 -51.95 -18.59
C SER E 761 -16.12 -52.67 -17.36
N ASN E 762 -16.03 -51.95 -16.24
CA ASN E 762 -15.73 -52.39 -14.86
C ASN E 762 -14.28 -52.82 -14.62
N VAL E 763 -13.47 -52.91 -15.68
CA VAL E 763 -12.02 -52.98 -15.47
C VAL E 763 -11.45 -51.58 -15.29
N VAL E 764 -12.02 -50.59 -15.98
CA VAL E 764 -11.59 -49.21 -15.82
C VAL E 764 -12.27 -48.55 -14.63
N PHE E 765 -13.23 -49.22 -13.99
CA PHE E 765 -13.68 -48.81 -12.66
C PHE E 765 -12.56 -48.91 -11.64
N TYR E 766 -11.71 -49.93 -11.74
CA TYR E 766 -10.62 -50.13 -10.80
C TYR E 766 -9.28 -49.61 -11.31
N ILE E 767 -9.24 -49.01 -12.51
CA ILE E 767 -8.02 -48.39 -13.00
C ILE E 767 -8.15 -46.88 -12.91
N THR E 768 -9.33 -46.37 -13.27
CA THR E 768 -9.51 -44.93 -13.47
C THR E 768 -10.39 -44.30 -12.40
N VAL E 769 -11.46 -44.96 -11.97
CA VAL E 769 -12.26 -44.41 -10.88
C VAL E 769 -11.61 -44.69 -9.53
N VAL E 770 -11.47 -45.97 -9.18
CA VAL E 770 -11.07 -46.36 -7.82
C VAL E 770 -9.57 -46.22 -7.63
N GLY E 771 -8.78 -46.64 -8.63
CA GLY E 771 -7.32 -46.62 -8.51
C GLY E 771 -6.74 -45.21 -8.46
N TYR E 772 -7.31 -44.28 -9.23
CA TYR E 772 -6.92 -42.88 -9.13
C TYR E 772 -7.36 -42.26 -7.81
N PHE E 773 -8.51 -42.69 -7.29
CA PHE E 773 -8.97 -42.28 -5.96
C PHE E 773 -8.04 -42.79 -4.87
N CYS E 774 -7.48 -44.00 -5.04
CA CYS E 774 -6.54 -44.54 -4.06
C CYS E 774 -5.22 -43.78 -4.04
N VAL E 775 -4.81 -43.22 -5.19
CA VAL E 775 -3.65 -42.32 -5.24
C VAL E 775 -3.93 -41.05 -4.43
N ILE E 776 -5.15 -40.51 -4.57
CA ILE E 776 -5.56 -39.31 -3.84
C ILE E 776 -5.66 -39.58 -2.35
N PHE E 777 -6.22 -40.75 -1.98
CA PHE E 777 -6.55 -41.04 -0.58
C PHE E 777 -5.31 -41.29 0.26
N LEU E 778 -4.27 -41.93 -0.31
CA LEU E 778 -3.01 -42.07 0.40
C LEU E 778 -2.28 -40.72 0.54
N LEU E 779 -2.41 -39.84 -0.46
CA LEU E 779 -1.89 -38.48 -0.31
C LEU E 779 -2.67 -37.67 0.71
N ASN E 780 -3.99 -37.79 0.72
CA ASN E 780 -4.81 -36.96 1.61
C ASN E 780 -4.72 -37.40 3.06
N VAL E 781 -4.62 -38.72 3.32
CA VAL E 781 -4.48 -39.20 4.69
C VAL E 781 -3.11 -38.85 5.26
N SER E 782 -2.06 -38.97 4.43
CA SER E 782 -0.70 -38.65 4.86
C SER E 782 -0.54 -37.17 5.19
N MET E 783 -1.18 -36.30 4.41
CA MET E 783 -1.22 -34.90 4.79
C MET E 783 -2.16 -34.63 5.96
N PHE E 784 -3.19 -35.47 6.15
CA PHE E 784 -4.05 -35.33 7.33
C PHE E 784 -3.31 -35.72 8.60
N ILE E 785 -2.41 -36.71 8.52
CA ILE E 785 -1.57 -37.06 9.66
C ILE E 785 -0.60 -35.92 9.98
N VAL E 786 0.00 -35.31 8.94
CA VAL E 786 0.97 -34.22 9.09
C VAL E 786 0.33 -32.98 9.72
N VAL E 787 -0.93 -32.69 9.37
CA VAL E 787 -1.71 -31.63 10.02
C VAL E 787 -1.93 -31.94 11.50
N LEU E 788 -2.29 -33.18 11.83
CA LEU E 788 -2.38 -33.59 13.24
C LEU E 788 -1.00 -33.67 13.91
N VAL E 789 0.06 -33.96 13.15
CA VAL E 789 1.41 -33.90 13.71
C VAL E 789 1.79 -32.45 14.05
N GLN E 790 1.49 -31.51 13.15
CA GLN E 790 1.81 -30.11 13.42
C GLN E 790 0.91 -29.50 14.49
N LEU E 791 -0.40 -29.77 14.42
CA LEU E 791 -1.33 -29.14 15.38
C LEU E 791 -1.16 -29.68 16.80
N CYS E 792 -0.61 -30.88 16.96
CA CYS E 792 -0.15 -31.26 18.30
C CYS E 792 1.05 -30.45 18.75
N ARG E 793 2.04 -30.24 17.87
CA ARG E 793 3.32 -29.70 18.32
C ARG E 793 3.29 -28.20 18.62
N ILE E 794 2.27 -27.46 18.19
CA ILE E 794 2.02 -26.15 18.80
C ILE E 794 1.31 -26.30 20.14
N LYS E 795 0.20 -27.08 20.19
CA LYS E 795 -0.63 -27.14 21.39
C LYS E 795 0.04 -27.88 22.54
N LYS E 796 1.00 -28.76 22.26
CA LYS E 796 1.81 -29.31 23.35
C LYS E 796 2.77 -28.26 23.91
N LYS E 797 3.36 -27.44 23.03
CA LYS E 797 4.36 -26.46 23.46
C LYS E 797 3.65 -25.23 24.04
N ASP E 810 -11.34 -26.29 18.46
CA ASP E 810 -10.29 -27.19 17.98
C ASP E 810 -10.87 -28.43 17.30
N LEU E 811 -12.01 -28.93 17.77
CA LEU E 811 -12.69 -30.03 17.10
C LEU E 811 -13.29 -29.56 15.77
N ARG E 812 -13.72 -28.30 15.71
CA ARG E 812 -14.23 -27.72 14.46
C ARG E 812 -13.11 -27.60 13.42
N SER E 813 -11.89 -27.29 13.87
CA SER E 813 -10.74 -27.15 12.99
C SER E 813 -10.36 -28.48 12.34
N ILE E 814 -10.31 -29.55 13.13
CA ILE E 814 -9.95 -30.89 12.62
C ILE E 814 -11.01 -31.40 11.64
N ALA E 815 -12.28 -31.32 12.05
CA ALA E 815 -13.40 -31.82 11.24
C ALA E 815 -13.57 -31.09 9.91
N GLY E 816 -13.11 -29.84 9.83
CA GLY E 816 -13.06 -29.16 8.54
C GLY E 816 -12.09 -29.81 7.57
N LEU E 817 -10.93 -30.24 8.07
CA LEU E 817 -9.94 -30.91 7.22
C LEU E 817 -10.39 -32.31 6.79
N THR E 818 -11.30 -32.92 7.56
CA THR E 818 -11.89 -34.19 7.15
C THR E 818 -12.74 -34.01 5.89
N PHE E 819 -13.60 -32.98 5.88
CA PHE E 819 -14.52 -32.80 4.76
C PHE E 819 -13.90 -32.00 3.62
N LEU E 820 -12.76 -31.35 3.86
CA LEU E 820 -12.05 -30.68 2.78
C LEU E 820 -11.30 -31.67 1.89
N LEU E 821 -10.75 -32.73 2.48
CA LEU E 821 -9.85 -33.63 1.77
C LEU E 821 -10.48 -34.95 1.40
N GLY E 822 -11.71 -35.22 1.82
CA GLY E 822 -12.28 -36.55 1.64
C GLY E 822 -11.58 -37.61 2.46
N ILE E 823 -11.27 -37.31 3.72
CA ILE E 823 -10.83 -38.34 4.64
C ILE E 823 -12.01 -39.27 4.96
N THR E 824 -13.22 -38.71 5.01
CA THR E 824 -14.46 -39.46 5.16
C THR E 824 -14.89 -40.17 3.88
N TRP E 825 -14.21 -39.96 2.75
CA TRP E 825 -14.37 -40.82 1.58
C TRP E 825 -13.77 -42.21 1.76
N GLY E 826 -12.94 -42.42 2.79
CA GLY E 826 -12.40 -43.73 3.11
C GLY E 826 -13.40 -44.70 3.70
N PHE E 827 -14.61 -44.24 4.01
CA PHE E 827 -15.71 -45.11 4.39
C PHE E 827 -16.21 -45.97 3.22
N ALA E 828 -15.89 -45.58 1.98
CA ALA E 828 -16.29 -46.33 0.79
C ALA E 828 -15.59 -47.68 0.71
N PHE E 829 -14.35 -47.78 1.23
CA PHE E 829 -13.63 -49.04 1.26
C PHE E 829 -14.30 -50.10 2.12
N PHE E 830 -15.12 -49.68 3.07
CA PHE E 830 -15.87 -50.65 3.82
C PHE E 830 -17.22 -50.78 3.20
N ALA E 831 -17.76 -49.68 2.71
CA ALA E 831 -19.13 -49.68 2.20
C ALA E 831 -19.30 -50.62 1.01
N TRP E 832 -18.31 -50.64 0.10
CA TRP E 832 -18.43 -51.45 -1.12
C TRP E 832 -18.35 -52.94 -0.81
N GLY E 833 -17.59 -53.31 0.21
CA GLY E 833 -17.63 -54.66 0.73
C GLY E 833 -18.88 -54.90 1.56
N PRO E 834 -19.48 -56.09 1.44
CA PRO E 834 -20.62 -56.41 2.29
C PRO E 834 -20.22 -56.80 3.70
N VAL E 835 -19.92 -55.81 4.55
CA VAL E 835 -19.52 -56.10 5.92
C VAL E 835 -20.51 -55.52 6.92
N ASN E 836 -21.02 -54.30 6.66
CA ASN E 836 -21.95 -53.63 7.55
C ASN E 836 -22.89 -52.78 6.72
N VAL E 837 -24.17 -52.80 7.05
CA VAL E 837 -25.09 -51.81 6.51
C VAL E 837 -24.79 -50.42 7.07
N THR E 838 -24.25 -50.33 8.29
CA THR E 838 -23.92 -49.06 8.94
C THR E 838 -22.84 -48.30 8.20
N PHE E 839 -21.73 -48.98 7.85
CA PHE E 839 -20.68 -48.37 7.05
C PHE E 839 -21.15 -48.05 5.63
N MET E 840 -22.19 -48.73 5.17
CA MET E 840 -22.77 -48.38 3.88
C MET E 840 -23.60 -47.12 4.08
N TYR E 841 -24.25 -47.00 5.24
CA TYR E 841 -25.03 -45.81 5.54
C TYR E 841 -24.14 -44.57 5.70
N LEU E 842 -22.96 -44.73 6.33
CA LEU E 842 -22.07 -43.60 6.59
C LEU E 842 -21.47 -43.03 5.30
N PHE E 843 -21.38 -43.86 4.27
CA PHE E 843 -20.88 -43.41 2.98
C PHE E 843 -21.96 -42.56 2.33
N ALA E 844 -23.21 -42.86 2.67
CA ALA E 844 -24.38 -42.14 2.16
C ALA E 844 -24.71 -40.88 2.96
N ILE E 845 -24.43 -40.83 4.27
CA ILE E 845 -24.82 -39.64 5.02
C ILE E 845 -23.70 -38.59 5.03
N PHE E 846 -22.44 -39.01 5.03
CA PHE E 846 -21.34 -38.04 5.14
C PHE E 846 -20.85 -37.54 3.79
N ASN E 847 -20.53 -38.47 2.88
CA ASN E 847 -19.91 -38.11 1.61
C ASN E 847 -20.90 -37.46 0.66
N THR E 848 -22.20 -37.68 0.85
CA THR E 848 -23.19 -36.93 0.09
C THR E 848 -23.36 -35.51 0.65
N LEU E 849 -23.29 -35.36 1.96
CA LEU E 849 -23.45 -34.04 2.59
C LEU E 849 -22.13 -33.31 2.79
N GLN E 850 -21.12 -33.64 1.99
CA GLN E 850 -19.81 -33.00 2.08
C GLN E 850 -19.87 -31.51 1.76
N GLY E 851 -20.58 -31.16 0.69
CA GLY E 851 -20.75 -29.76 0.31
C GLY E 851 -21.51 -28.93 1.34
N PHE E 852 -22.47 -29.56 2.03
CA PHE E 852 -23.08 -28.95 3.20
C PHE E 852 -22.06 -28.75 4.33
N PHE E 853 -21.17 -29.72 4.52
CA PHE E 853 -20.19 -29.62 5.60
C PHE E 853 -19.03 -28.71 5.23
N ILE E 854 -18.76 -28.51 3.94
CA ILE E 854 -17.78 -27.50 3.53
C ILE E 854 -18.32 -26.10 3.84
N PHE E 855 -19.63 -25.90 3.66
CA PHE E 855 -20.31 -24.65 4.01
C PHE E 855 -20.22 -24.33 5.50
N ILE E 856 -20.53 -25.31 6.37
CA ILE E 856 -20.60 -25.02 7.79
C ILE E 856 -19.26 -25.19 8.49
N PHE E 857 -18.18 -25.40 7.75
CA PHE E 857 -16.84 -25.38 8.32
C PHE E 857 -15.89 -24.41 7.64
N TYR E 858 -16.18 -23.99 6.40
CA TYR E 858 -15.39 -22.98 5.71
C TYR E 858 -16.15 -21.80 5.14
N CYS E 859 -17.47 -21.73 5.26
CA CYS E 859 -18.14 -20.49 4.95
C CYS E 859 -18.93 -19.95 6.13
N ALA E 860 -19.83 -20.76 6.69
CA ALA E 860 -20.64 -20.31 7.82
C ALA E 860 -19.86 -20.26 9.12
N ALA E 861 -18.78 -21.01 9.23
CA ALA E 861 -18.00 -21.07 10.46
C ALA E 861 -16.84 -20.08 10.50
N LYS E 862 -16.67 -19.26 9.47
CA LYS E 862 -15.63 -18.24 9.49
C LYS E 862 -16.21 -16.92 9.95
N GLU E 863 -15.49 -16.24 10.85
CA GLU E 863 -15.98 -14.98 11.42
C GLU E 863 -15.96 -13.85 10.39
N ASN E 864 -14.97 -13.85 9.49
CA ASN E 864 -14.86 -12.79 8.49
C ASN E 864 -15.96 -12.87 7.44
N VAL E 865 -16.41 -14.08 7.13
CA VAL E 865 -17.50 -14.26 6.18
C VAL E 865 -18.83 -13.80 6.79
N ARG E 866 -19.07 -14.17 8.05
CA ARG E 866 -20.31 -13.78 8.74
C ARG E 866 -20.36 -12.28 9.02
N LYS E 867 -19.19 -11.66 9.24
CA LYS E 867 -19.13 -10.21 9.36
C LYS E 867 -19.45 -9.53 8.04
N GLN E 868 -19.04 -10.13 6.92
CA GLN E 868 -19.23 -9.50 5.64
C GLN E 868 -20.59 -9.82 5.03
N TRP E 869 -21.31 -10.80 5.59
CA TRP E 869 -22.72 -11.01 5.23
C TRP E 869 -23.63 -9.85 5.65
N ARG E 870 -23.26 -9.09 6.66
CA ARG E 870 -24.06 -7.94 7.08
C ARG E 870 -23.82 -6.75 6.17
N VAL F 2 20.59 10.15 -27.33
CA VAL F 2 19.57 9.44 -28.10
C VAL F 2 19.99 9.39 -29.56
N GLN F 3 20.35 8.21 -30.04
CA GLN F 3 20.85 8.04 -31.40
C GLN F 3 20.26 6.77 -32.00
N LEU F 4 19.72 6.88 -33.21
CA LEU F 4 19.20 5.75 -33.98
C LEU F 4 19.90 5.72 -35.33
N VAL F 5 21.05 5.05 -35.38
CA VAL F 5 21.82 4.90 -36.61
C VAL F 5 21.46 3.55 -37.24
N GLU F 6 21.26 3.55 -38.55
CA GLU F 6 20.80 2.39 -39.28
C GLU F 6 21.93 1.73 -40.04
N SER F 7 21.87 0.40 -40.13
CA SER F 7 22.79 -0.38 -40.94
C SER F 7 22.03 -1.12 -42.01
N GLY F 8 22.77 -1.70 -42.96
CA GLY F 8 22.17 -2.40 -44.07
C GLY F 8 21.73 -1.47 -45.19
N GLY F 9 21.21 -2.08 -46.24
CA GLY F 9 20.74 -1.32 -47.39
C GLY F 9 21.81 -1.09 -48.43
N GLY F 10 21.44 -1.20 -49.71
CA GLY F 10 22.40 -1.02 -50.78
C GLY F 10 21.82 -1.31 -52.15
N LEU F 11 22.56 -2.06 -52.97
CA LEU F 11 22.15 -2.41 -54.32
C LEU F 11 21.66 -3.86 -54.30
N VAL F 12 20.37 -4.03 -54.09
CA VAL F 12 19.75 -5.34 -53.97
C VAL F 12 19.04 -5.66 -55.28
N GLN F 13 19.34 -6.81 -55.86
CA GLN F 13 18.65 -7.25 -57.07
C GLN F 13 17.20 -7.62 -56.75
N PRO F 14 16.28 -7.45 -57.71
CA PRO F 14 14.86 -7.79 -57.46
C PRO F 14 14.62 -9.26 -57.16
N GLY F 15 13.73 -9.51 -56.20
CA GLY F 15 13.50 -10.83 -55.69
C GLY F 15 14.45 -11.26 -54.59
N GLY F 16 15.39 -10.41 -54.19
CA GLY F 16 16.38 -10.76 -53.21
C GLY F 16 15.89 -10.60 -51.78
N SER F 17 16.85 -10.49 -50.86
CA SER F 17 16.55 -10.40 -49.44
C SER F 17 17.69 -9.67 -48.73
N ARG F 18 17.34 -8.63 -47.98
CA ARG F 18 18.29 -7.86 -47.19
C ARG F 18 17.71 -7.64 -45.80
N LYS F 19 18.55 -7.71 -44.77
CA LYS F 19 18.14 -7.48 -43.40
C LYS F 19 18.69 -6.14 -42.94
N LEU F 20 17.79 -5.28 -42.47
CA LEU F 20 18.13 -3.95 -41.96
C LEU F 20 18.04 -3.91 -40.45
N SER F 21 19.08 -3.36 -39.83
CA SER F 21 19.17 -3.24 -38.38
C SER F 21 19.49 -1.81 -38.01
N CYS F 22 18.70 -1.22 -37.13
CA CYS F 22 18.98 0.09 -36.57
C CYS F 22 19.36 -0.05 -35.11
N SER F 23 20.56 0.40 -34.76
CA SER F 23 21.08 0.29 -33.42
C SER F 23 20.64 1.48 -32.59
N ALA F 24 20.44 1.26 -31.30
CA ALA F 24 19.95 2.28 -30.38
C ALA F 24 20.95 2.47 -29.25
N SER F 25 21.72 3.55 -29.33
CA SER F 25 22.62 3.94 -28.25
C SER F 25 22.15 5.31 -27.77
N GLY F 26 21.62 5.37 -26.55
CA GLY F 26 21.22 6.64 -25.98
C GLY F 26 19.83 6.67 -25.40
N PHE F 27 19.08 5.58 -25.54
CA PHE F 27 17.77 5.50 -24.89
C PHE F 27 17.47 4.05 -24.54
N ALA F 28 16.55 3.88 -23.61
CA ALA F 28 16.10 2.54 -23.22
C ALA F 28 15.27 1.94 -24.34
N PHE F 29 15.59 0.70 -24.72
CA PHE F 29 15.02 0.09 -25.90
C PHE F 29 13.74 -0.68 -25.62
N SER F 30 13.65 -1.32 -24.46
CA SER F 30 12.51 -2.18 -24.13
C SER F 30 11.25 -1.40 -23.78
N SER F 31 11.35 -0.09 -23.58
CA SER F 31 10.19 0.71 -23.23
C SER F 31 9.50 1.35 -24.42
N PHE F 32 10.06 1.25 -25.63
CA PHE F 32 9.58 2.00 -26.78
C PHE F 32 9.09 1.03 -27.85
N GLY F 33 7.89 1.28 -28.39
CA GLY F 33 7.39 0.50 -29.52
C GLY F 33 7.76 1.16 -30.84
N MET F 34 8.47 0.43 -31.68
CA MET F 34 9.24 1.08 -32.72
C MET F 34 8.77 0.70 -34.11
N HIS F 35 8.78 1.68 -35.01
CA HIS F 35 8.23 1.58 -36.34
C HIS F 35 9.33 1.66 -37.38
N TRP F 36 8.99 1.27 -38.60
CA TRP F 36 9.81 1.50 -39.77
C TRP F 36 8.99 2.31 -40.76
N VAL F 37 9.54 3.43 -41.22
CA VAL F 37 8.91 4.29 -42.23
C VAL F 37 9.93 4.48 -43.36
N ARG F 38 9.48 4.38 -44.60
CA ARG F 38 10.34 4.49 -45.76
C ARG F 38 10.00 5.76 -46.55
N GLN F 39 11.02 6.32 -47.20
CA GLN F 39 10.90 7.53 -48.01
C GLN F 39 11.33 7.20 -49.43
N ALA F 40 10.38 7.24 -50.35
CA ALA F 40 10.69 7.13 -51.77
C ALA F 40 11.46 8.37 -52.22
N PRO F 41 12.35 8.25 -53.25
CA PRO F 41 13.23 9.37 -53.67
C PRO F 41 12.58 10.71 -54.04
N GLU F 42 11.47 10.71 -54.76
CA GLU F 42 10.78 11.96 -55.09
C GLU F 42 9.29 11.85 -54.75
N LYS F 43 8.99 11.20 -53.64
CA LYS F 43 7.62 11.04 -53.16
C LYS F 43 7.62 11.29 -51.65
N GLY F 44 6.53 10.90 -50.99
CA GLY F 44 6.35 11.12 -49.57
C GLY F 44 6.81 9.98 -48.71
N LEU F 45 6.26 9.93 -47.49
CA LEU F 45 6.56 8.92 -46.49
C LEU F 45 5.41 7.93 -46.37
N GLU F 46 5.74 6.66 -46.20
CA GLU F 46 4.74 5.59 -46.10
C GLU F 46 5.21 4.59 -45.06
N TRP F 47 4.35 4.33 -44.06
CA TRP F 47 4.67 3.47 -42.93
C TRP F 47 4.59 2.00 -43.35
N VAL F 48 5.58 1.20 -42.94
CA VAL F 48 5.57 -0.21 -43.34
C VAL F 48 5.44 -1.18 -42.16
N ALA F 49 5.90 -0.80 -40.97
CA ALA F 49 5.94 -1.78 -39.89
C ALA F 49 5.82 -1.10 -38.55
N TYR F 50 5.45 -1.89 -37.54
CA TYR F 50 5.42 -1.47 -36.15
C TYR F 50 5.51 -2.72 -35.30
N ILE F 51 6.39 -2.71 -34.31
CA ILE F 51 6.48 -3.78 -33.33
C ILE F 51 6.36 -3.15 -31.94
N SER F 52 5.62 -3.81 -31.06
CA SER F 52 5.41 -3.24 -29.74
C SER F 52 6.65 -3.48 -28.86
N SER F 53 6.69 -2.76 -27.75
CA SER F 53 7.81 -2.88 -26.82
C SER F 53 7.65 -4.14 -25.98
N GLY F 54 8.55 -5.10 -26.13
CA GLY F 54 8.29 -6.40 -25.54
C GLY F 54 7.19 -7.07 -26.31
N SER F 55 7.54 -7.51 -27.52
CA SER F 55 6.71 -7.74 -28.69
C SER F 55 5.43 -8.55 -28.48
N GLY F 56 4.28 -7.93 -28.68
CA GLY F 56 3.03 -8.65 -28.53
C GLY F 56 2.08 -8.57 -29.71
N THR F 57 2.13 -7.45 -30.45
CA THR F 57 1.35 -7.27 -31.67
C THR F 57 2.27 -6.73 -32.76
N ILE F 58 2.17 -7.33 -33.94
CA ILE F 58 3.06 -7.02 -35.05
C ILE F 58 2.17 -6.50 -36.18
N TYR F 59 2.21 -5.20 -36.43
CA TYR F 59 1.40 -4.60 -37.48
C TYR F 59 2.25 -4.27 -38.70
N TYR F 60 1.76 -4.64 -39.88
CA TYR F 60 2.39 -4.32 -41.14
C TYR F 60 1.42 -3.54 -42.01
N ALA F 61 1.95 -2.89 -43.04
CA ALA F 61 1.10 -2.28 -44.05
C ALA F 61 0.62 -3.34 -45.03
N ASP F 62 -0.30 -2.93 -45.92
CA ASP F 62 -0.92 -3.85 -46.86
C ASP F 62 0.06 -4.31 -47.93
N THR F 63 0.96 -3.42 -48.37
CA THR F 63 1.88 -3.75 -49.45
C THR F 63 3.10 -4.52 -48.99
N VAL F 64 3.31 -4.67 -47.67
CA VAL F 64 4.49 -5.32 -47.11
C VAL F 64 4.09 -6.41 -46.12
N LYS F 65 2.84 -6.87 -46.21
CA LYS F 65 2.20 -7.67 -45.16
C LYS F 65 2.83 -9.06 -45.04
N GLY F 66 2.74 -9.87 -46.09
CA GLY F 66 3.23 -11.23 -46.00
C GLY F 66 4.69 -11.40 -46.35
N ARG F 67 5.35 -10.34 -46.81
CA ARG F 67 6.70 -10.45 -47.34
C ARG F 67 7.78 -9.93 -46.40
N PHE F 68 7.44 -9.04 -45.48
CA PHE F 68 8.43 -8.50 -44.55
C PHE F 68 8.14 -9.05 -43.15
N THR F 69 9.18 -9.12 -42.34
CA THR F 69 9.01 -9.42 -40.92
C THR F 69 9.89 -8.48 -40.11
N ILE F 70 9.35 -8.00 -39.00
CA ILE F 70 10.06 -7.13 -38.08
C ILE F 70 10.19 -7.84 -36.74
N SER F 71 11.41 -7.90 -36.23
CA SER F 71 11.67 -8.54 -34.95
C SER F 71 12.45 -7.56 -34.07
N ARG F 72 12.62 -7.93 -32.81
CA ARG F 72 13.10 -7.00 -31.81
C ARG F 72 14.06 -7.70 -30.87
N ASP F 73 15.26 -7.14 -30.72
CA ASP F 73 16.30 -7.71 -29.85
C ASP F 73 16.49 -6.73 -28.70
N ASP F 74 15.76 -6.98 -27.61
CA ASP F 74 15.85 -6.13 -26.41
C ASP F 74 17.21 -6.14 -25.68
N PRO F 75 17.95 -7.26 -25.50
CA PRO F 75 19.30 -7.10 -24.89
C PRO F 75 20.32 -6.35 -25.73
N LYS F 76 20.32 -6.47 -27.06
CA LYS F 76 21.36 -5.86 -27.85
C LYS F 76 20.99 -4.49 -28.40
N ASN F 77 19.80 -3.99 -28.06
CA ASN F 77 19.26 -2.66 -28.42
C ASN F 77 19.22 -2.46 -29.93
N THR F 78 18.86 -3.51 -30.66
CA THR F 78 18.81 -3.48 -32.11
C THR F 78 17.43 -3.89 -32.59
N LEU F 79 16.95 -3.22 -33.61
CA LEU F 79 15.65 -3.49 -34.21
C LEU F 79 15.87 -4.03 -35.62
N PHE F 80 15.34 -5.21 -35.89
CA PHE F 80 15.58 -5.92 -37.14
C PHE F 80 14.39 -5.80 -38.08
N LEU F 81 14.66 -5.67 -39.38
CA LEU F 81 13.63 -5.72 -40.41
C LEU F 81 14.17 -6.62 -41.53
N GLN F 82 13.75 -7.89 -41.50
CA GLN F 82 14.09 -8.83 -42.57
C GLN F 82 13.06 -8.69 -43.69
N MET F 83 13.53 -8.70 -44.93
CA MET F 83 12.66 -8.49 -46.08
C MET F 83 12.80 -9.68 -47.02
N THR F 84 11.67 -10.13 -47.57
CA THR F 84 11.67 -11.14 -48.62
C THR F 84 10.91 -10.60 -49.83
N SER F 85 11.37 -10.99 -51.02
CA SER F 85 10.70 -10.82 -52.32
C SER F 85 10.48 -9.33 -52.66
N LEU F 86 11.60 -8.61 -52.67
CA LEU F 86 11.58 -7.16 -52.85
C LEU F 86 11.24 -6.65 -54.21
N ARG F 87 10.07 -6.07 -54.33
CA ARG F 87 9.68 -5.50 -55.57
C ARG F 87 10.41 -4.21 -55.74
N SER F 88 10.30 -3.61 -56.91
CA SER F 88 11.03 -2.38 -57.19
C SER F 88 10.56 -1.24 -56.28
N GLU F 89 9.27 -1.20 -56.01
CA GLU F 89 8.72 -0.12 -55.18
C GLU F 89 9.41 -0.08 -53.83
N ASP F 90 10.01 -1.20 -53.42
CA ASP F 90 10.73 -1.23 -52.16
C ASP F 90 11.80 -0.16 -52.15
N THR F 91 12.29 0.22 -53.32
CA THR F 91 13.28 1.29 -53.40
C THR F 91 12.85 2.44 -52.51
N ALA F 92 13.68 2.79 -51.54
CA ALA F 92 13.34 3.84 -50.60
C ALA F 92 14.45 3.93 -49.54
N MET F 93 14.42 5.03 -48.79
CA MET F 93 15.32 5.20 -47.65
C MET F 93 14.50 5.06 -46.37
N TYR F 94 14.85 4.07 -45.56
CA TYR F 94 14.01 3.59 -44.47
C TYR F 94 14.45 4.21 -43.15
N TYR F 95 13.49 4.70 -42.37
CA TYR F 95 13.76 5.37 -41.10
C TYR F 95 13.41 4.49 -39.91
N CYS F 96 14.27 4.50 -38.91
CA CYS F 96 14.02 3.83 -37.64
C CYS F 96 13.34 4.82 -36.70
N VAL F 97 12.12 4.50 -36.27
CA VAL F 97 11.22 5.45 -35.64
C VAL F 97 10.93 5.00 -34.20
N ARG F 98 11.00 5.94 -33.26
CA ARG F 98 10.86 5.68 -31.83
C ARG F 98 9.52 6.21 -31.33
N SER F 99 8.79 5.41 -30.53
CA SER F 99 7.47 5.83 -30.03
C SER F 99 7.12 5.09 -28.75
N ILE F 100 6.79 5.83 -27.68
CA ILE F 100 6.19 5.29 -26.47
C ILE F 100 4.71 5.62 -26.47
N TYR F 101 3.90 4.77 -25.81
CA TYR F 101 2.45 4.97 -25.77
C TYR F 101 1.95 4.86 -24.34
N TYR F 102 1.61 6.02 -23.77
CA TYR F 102 0.90 6.12 -22.50
C TYR F 102 0.13 7.43 -22.52
N TYR F 103 -0.54 7.74 -21.42
CA TYR F 103 -1.28 9.00 -21.35
C TYR F 103 -0.35 10.19 -21.26
N GLY F 104 -0.47 11.10 -22.22
CA GLY F 104 0.40 12.25 -22.29
C GLY F 104 1.75 11.98 -22.93
N SER F 105 1.94 10.80 -23.52
CA SER F 105 3.21 10.43 -24.11
C SER F 105 3.40 11.13 -25.45
N SER F 106 4.58 10.93 -26.03
CA SER F 106 4.95 11.52 -27.31
C SER F 106 5.38 10.42 -28.28
N PRO F 107 4.43 9.79 -28.98
CA PRO F 107 4.81 8.88 -30.07
C PRO F 107 5.43 9.63 -31.24
N PHE F 108 6.30 8.92 -31.98
CA PHE F 108 6.98 9.40 -33.19
C PHE F 108 7.87 10.60 -32.93
N ASP F 109 8.42 10.68 -31.71
CA ASP F 109 9.19 11.84 -31.29
C ASP F 109 10.58 11.86 -31.93
N PHE F 110 11.32 10.76 -31.82
CA PHE F 110 12.64 10.66 -32.41
C PHE F 110 12.59 9.75 -33.63
N TRP F 111 13.14 10.25 -34.73
CA TRP F 111 13.33 9.47 -35.93
C TRP F 111 14.81 9.19 -36.09
N GLY F 112 15.14 8.25 -36.96
CA GLY F 112 16.53 7.86 -37.13
C GLY F 112 17.33 8.79 -38.01
N GLN F 113 18.15 8.22 -38.89
CA GLN F 113 18.87 9.00 -39.88
C GLN F 113 18.56 8.55 -41.31
N GLY F 114 18.38 7.25 -41.53
CA GLY F 114 18.04 6.74 -42.84
C GLY F 114 19.07 5.80 -43.40
N THR F 115 18.61 4.83 -44.18
CA THR F 115 19.50 3.90 -44.90
C THR F 115 18.95 3.69 -46.30
N THR F 116 19.75 4.04 -47.30
CA THR F 116 19.29 4.02 -48.68
C THR F 116 19.24 2.59 -49.20
N LEU F 117 18.07 2.19 -49.67
CA LEU F 117 17.87 0.89 -50.30
C LEU F 117 17.46 1.12 -51.75
N THR F 118 18.23 0.58 -52.68
CA THR F 118 18.01 0.77 -54.11
C THR F 118 17.81 -0.59 -54.76
N VAL F 119 16.55 -0.99 -54.89
CA VAL F 119 16.22 -2.17 -55.67
C VAL F 119 16.38 -1.85 -57.15
N SER F 120 17.14 -2.68 -57.86
CA SER F 120 17.52 -2.41 -59.24
C SER F 120 16.35 -2.64 -60.20
N SER F 121 16.61 -2.42 -61.48
CA SER F 121 15.59 -2.59 -62.51
C SER F 121 15.35 -4.06 -62.81
N SER F 135 -10.30 1.92 -49.48
CA SER F 135 -10.50 0.77 -48.60
C SER F 135 -10.59 1.23 -47.14
N SER F 136 -10.08 0.40 -46.23
CA SER F 136 -10.12 0.73 -44.80
C SER F 136 -9.10 1.79 -44.41
N ASP F 137 -8.07 2.00 -45.24
CA ASP F 137 -7.05 3.00 -44.94
C ASP F 137 -7.60 4.42 -45.03
N ILE F 138 -7.14 5.28 -44.13
CA ILE F 138 -7.58 6.67 -44.07
C ILE F 138 -6.68 7.48 -45.00
N VAL F 139 -7.27 8.01 -46.07
CA VAL F 139 -6.51 8.85 -46.99
C VAL F 139 -6.28 10.21 -46.33
N MET F 140 -5.02 10.51 -46.03
CA MET F 140 -4.63 11.79 -45.44
C MET F 140 -4.26 12.73 -46.58
N THR F 141 -5.28 13.27 -47.23
CA THR F 141 -5.06 14.20 -48.33
C THR F 141 -4.54 15.54 -47.83
N GLN F 142 -3.76 16.22 -48.65
CA GLN F 142 -3.16 17.48 -48.20
C GLN F 142 -3.52 18.64 -49.11
N ALA F 143 -3.47 18.42 -50.42
CA ALA F 143 -3.78 19.48 -51.37
C ALA F 143 -2.90 20.69 -51.11
N THR F 144 -1.68 20.46 -50.63
CA THR F 144 -0.77 21.55 -50.34
C THR F 144 0.64 21.18 -50.79
N SER F 145 0.82 20.95 -52.08
CA SER F 145 2.13 20.54 -52.58
C SER F 145 3.19 21.61 -52.35
N SER F 146 2.88 22.84 -52.70
CA SER F 146 3.87 23.92 -52.57
C SER F 146 3.26 25.22 -52.09
N VAL F 147 4.02 26.01 -51.36
CA VAL F 147 3.54 27.28 -50.83
C VAL F 147 4.69 28.28 -50.89
N PRO F 148 4.56 29.38 -51.64
CA PRO F 148 5.60 30.42 -51.63
C PRO F 148 5.60 31.17 -50.30
N VAL F 149 6.72 31.11 -49.59
CA VAL F 149 6.81 31.64 -48.24
C VAL F 149 7.97 32.62 -48.15
N THR F 150 7.87 33.53 -47.18
CA THR F 150 8.88 34.52 -46.85
C THR F 150 9.15 34.44 -45.36
N PRO F 151 10.37 34.78 -44.91
CA PRO F 151 10.63 34.81 -43.46
C PRO F 151 9.90 35.94 -42.77
N GLY F 152 9.14 35.59 -41.73
CA GLY F 152 8.45 36.55 -40.89
C GLY F 152 6.94 36.50 -40.98
N GLU F 153 6.38 35.97 -42.05
CA GLU F 153 4.93 35.94 -42.17
C GLU F 153 4.36 34.75 -41.40
N SER F 154 3.03 34.66 -41.38
CA SER F 154 2.31 33.62 -40.65
C SER F 154 1.63 32.71 -41.67
N VAL F 155 2.24 31.56 -41.92
CA VAL F 155 1.75 30.62 -42.93
C VAL F 155 0.85 29.58 -42.29
N SER F 156 -0.09 29.06 -43.07
CA SER F 156 -1.00 28.01 -42.65
C SER F 156 -0.88 26.84 -43.60
N ILE F 157 -0.74 25.63 -43.04
CA ILE F 157 -0.63 24.41 -43.82
C ILE F 157 -1.88 23.58 -43.56
N SER F 158 -2.59 23.22 -44.63
CA SER F 158 -3.88 22.58 -44.51
C SER F 158 -3.74 21.06 -44.52
N CYS F 159 -4.79 20.40 -44.03
CA CYS F 159 -4.86 18.95 -43.97
C CYS F 159 -6.33 18.54 -43.86
N ARG F 160 -6.70 17.48 -44.55
CA ARG F 160 -8.05 16.92 -44.50
C ARG F 160 -7.96 15.40 -44.41
N SER F 161 -8.89 14.80 -43.69
CA SER F 161 -8.95 13.36 -43.51
C SER F 161 -10.18 12.78 -44.19
N SER F 162 -10.07 11.53 -44.64
CA SER F 162 -11.22 10.86 -45.23
C SER F 162 -12.21 10.42 -44.18
N LYS F 163 -11.74 10.13 -42.96
CA LYS F 163 -12.59 9.71 -41.86
C LYS F 163 -12.19 10.53 -40.64
N SER F 164 -13.18 10.86 -39.81
CA SER F 164 -12.99 11.77 -38.69
C SER F 164 -12.08 11.15 -37.62
N LEU F 165 -11.07 11.92 -37.23
CA LEU F 165 -10.01 11.42 -36.37
C LEU F 165 -10.27 11.66 -34.89
N LEU F 166 -11.40 12.25 -34.55
CA LEU F 166 -11.76 12.51 -33.16
C LEU F 166 -12.37 11.24 -32.61
N HIS F 167 -11.61 10.53 -31.79
CA HIS F 167 -12.12 9.35 -31.12
C HIS F 167 -13.01 9.78 -29.95
N SER F 168 -13.74 8.82 -29.38
CA SER F 168 -14.64 9.08 -28.26
C SER F 168 -13.93 9.44 -26.96
N ASN F 169 -12.60 9.25 -26.89
CA ASN F 169 -11.80 9.71 -25.76
C ASN F 169 -11.83 11.22 -25.64
N GLY F 170 -11.70 11.90 -26.77
CA GLY F 170 -11.43 13.33 -26.80
C GLY F 170 -10.11 13.68 -27.44
N ASN F 171 -9.24 12.70 -27.68
CA ASN F 171 -7.98 12.93 -28.35
C ASN F 171 -8.15 12.70 -29.84
N THR F 172 -7.83 13.72 -30.62
CA THR F 172 -7.91 13.65 -32.07
C THR F 172 -6.51 13.41 -32.61
N TYR F 173 -6.30 12.24 -33.21
CA TYR F 173 -4.96 11.68 -33.45
C TYR F 173 -4.41 12.24 -34.76
N LEU F 174 -3.74 13.40 -34.66
CA LEU F 174 -3.13 14.05 -35.80
C LEU F 174 -1.71 14.46 -35.44
N TYR F 175 -0.73 14.03 -36.24
CA TYR F 175 0.67 14.28 -35.94
C TYR F 175 1.30 15.04 -37.10
N TRP F 176 2.21 15.95 -36.77
CA TRP F 176 2.88 16.79 -37.74
C TRP F 176 4.37 16.52 -37.73
N PHE F 177 4.99 16.51 -38.90
CA PHE F 177 6.41 16.23 -39.03
C PHE F 177 7.06 17.29 -39.90
N LEU F 178 8.31 17.62 -39.59
CA LEU F 178 9.12 18.51 -40.41
C LEU F 178 10.35 17.75 -40.87
N GLN F 179 10.44 17.53 -42.19
CA GLN F 179 11.61 16.94 -42.80
C GLN F 179 12.41 18.06 -43.44
N ARG F 180 13.54 18.40 -42.83
CA ARG F 180 14.51 19.29 -43.44
C ARG F 180 15.14 18.60 -44.65
N PRO F 181 15.61 19.40 -45.69
CA PRO F 181 16.12 18.82 -46.95
C PRO F 181 17.22 17.76 -46.89
N GLY F 182 18.13 17.86 -45.94
CA GLY F 182 19.12 16.81 -45.79
C GLY F 182 19.10 16.15 -44.42
N GLN F 183 17.95 16.18 -43.76
CA GLN F 183 17.80 15.63 -42.41
C GLN F 183 16.58 14.73 -42.34
N SER F 184 16.48 14.04 -41.22
CA SER F 184 15.35 13.17 -40.91
C SER F 184 14.11 14.00 -40.56
N PRO F 185 12.91 13.41 -40.67
CA PRO F 185 11.73 14.08 -40.11
C PRO F 185 11.79 14.22 -38.59
N GLN F 186 11.20 15.31 -38.11
CA GLN F 186 11.18 15.66 -36.70
C GLN F 186 9.73 15.93 -36.31
N LEU F 187 9.28 15.33 -35.20
CA LEU F 187 7.95 15.60 -34.66
C LEU F 187 7.82 17.06 -34.24
N LEU F 188 6.72 17.68 -34.65
CA LEU F 188 6.39 19.03 -34.21
C LEU F 188 5.22 19.03 -33.24
N ILE F 189 4.08 18.54 -33.71
CA ILE F 189 2.90 18.48 -32.86
C ILE F 189 2.27 17.11 -33.00
N TYR F 190 1.76 16.57 -31.90
CA TYR F 190 1.14 15.25 -31.94
C TYR F 190 -0.26 15.29 -31.36
N ARG F 191 -1.04 14.25 -31.63
CA ARG F 191 -2.43 14.22 -31.14
C ARG F 191 -3.10 15.55 -31.44
N MET F 192 -3.16 15.92 -32.73
CA MET F 192 -3.79 17.17 -33.14
C MET F 192 -2.97 18.42 -32.83
N SER F 193 -2.57 18.60 -31.58
CA SER F 193 -1.86 19.84 -31.23
C SER F 193 -0.88 19.75 -30.05
N ASN F 194 -0.69 18.56 -29.49
CA ASN F 194 0.30 18.45 -28.41
C ASN F 194 1.67 18.76 -28.96
N LEU F 195 2.34 19.74 -28.37
CA LEU F 195 3.66 20.14 -28.86
C LEU F 195 4.75 19.21 -28.35
N ALA F 196 5.76 18.99 -29.18
CA ALA F 196 6.88 18.13 -28.80
C ALA F 196 7.99 18.95 -28.15
N SER F 197 8.92 18.23 -27.52
CA SER F 197 9.83 18.79 -26.50
C SER F 197 10.81 19.81 -27.05
N GLY F 198 11.51 19.46 -28.12
CA GLY F 198 12.50 20.38 -28.66
C GLY F 198 11.96 21.47 -29.56
N VAL F 199 10.68 21.41 -29.88
CA VAL F 199 10.05 22.33 -30.86
C VAL F 199 9.89 23.70 -30.22
N PRO F 200 10.21 24.78 -30.94
CA PRO F 200 9.87 26.13 -30.46
C PRO F 200 8.37 26.37 -30.43
N ASP F 201 7.99 27.43 -29.70
CA ASP F 201 6.61 27.83 -29.47
C ASP F 201 5.98 28.56 -30.67
N ARG F 202 6.72 28.70 -31.77
CA ARG F 202 6.20 29.27 -33.02
C ARG F 202 5.10 28.40 -33.61
N PHE F 203 5.29 27.09 -33.58
CA PHE F 203 4.35 26.16 -34.20
C PHE F 203 3.09 26.01 -33.35
N SER F 204 1.94 25.94 -34.03
CA SER F 204 0.66 25.81 -33.35
C SER F 204 -0.30 25.09 -34.29
N GLY F 205 -1.12 24.21 -33.72
CA GLY F 205 -1.99 23.35 -34.49
C GLY F 205 -3.45 23.53 -34.13
N SER F 206 -4.32 23.30 -35.11
CA SER F 206 -5.75 23.46 -34.93
C SER F 206 -6.47 22.53 -35.91
N GLY F 207 -7.79 22.52 -35.84
CA GLY F 207 -8.59 21.66 -36.67
C GLY F 207 -9.89 21.30 -35.98
N SER F 208 -10.70 20.52 -36.69
CA SER F 208 -12.03 20.17 -36.21
C SER F 208 -12.37 18.71 -36.50
N GLY F 209 -11.42 17.81 -36.26
CA GLY F 209 -11.70 16.39 -36.42
C GLY F 209 -11.49 15.83 -37.82
N THR F 210 -11.92 16.55 -38.85
CA THR F 210 -11.76 16.13 -40.23
C THR F 210 -10.80 17.02 -41.00
N ALA F 211 -11.01 18.33 -40.96
CA ALA F 211 -10.08 19.30 -41.55
C ALA F 211 -9.11 19.75 -40.47
N PHE F 212 -7.88 20.04 -40.88
CA PHE F 212 -6.82 20.33 -39.92
C PHE F 212 -5.94 21.45 -40.44
N THR F 213 -5.24 22.12 -39.52
CA THR F 213 -4.47 23.30 -39.85
C THR F 213 -3.24 23.39 -38.93
N LEU F 214 -2.06 23.53 -39.54
CA LEU F 214 -0.83 23.83 -38.83
C LEU F 214 -0.42 25.26 -39.16
N THR F 215 -0.08 26.04 -38.13
CA THR F 215 0.18 27.47 -38.26
C THR F 215 1.58 27.78 -37.74
N ILE F 216 2.49 28.13 -38.65
CA ILE F 216 3.80 28.65 -38.28
C ILE F 216 3.70 30.17 -38.31
N SER F 217 3.99 30.81 -37.17
CA SER F 217 3.69 32.23 -37.03
C SER F 217 4.90 33.15 -37.18
N ARG F 218 6.10 32.68 -36.90
CA ARG F 218 7.32 33.49 -36.94
C ARG F 218 8.41 32.76 -37.72
N LEU F 219 8.08 32.40 -38.97
CA LEU F 219 8.82 31.51 -39.85
C LEU F 219 10.27 31.95 -40.08
N GLU F 220 11.20 31.09 -39.70
CA GLU F 220 12.63 31.37 -39.78
C GLU F 220 13.28 30.54 -40.88
N ALA F 221 14.62 30.62 -40.93
CA ALA F 221 15.37 29.98 -42.01
C ALA F 221 15.47 28.47 -41.82
N GLU F 222 15.52 28.01 -40.58
CA GLU F 222 15.71 26.58 -40.32
C GLU F 222 14.43 25.77 -40.53
N ASP F 223 13.28 26.41 -40.71
CA ASP F 223 12.01 25.72 -40.88
C ASP F 223 11.68 25.42 -42.34
N VAL F 224 12.67 25.51 -43.24
CA VAL F 224 12.48 25.13 -44.62
C VAL F 224 12.40 23.61 -44.70
N GLY F 225 11.38 23.10 -45.38
CA GLY F 225 11.27 21.67 -45.59
C GLY F 225 9.86 21.28 -45.97
N VAL F 226 9.67 19.97 -46.08
CA VAL F 226 8.38 19.38 -46.42
C VAL F 226 7.69 18.98 -45.12
N TYR F 227 6.42 19.37 -44.99
CA TYR F 227 5.66 19.14 -43.77
C TYR F 227 4.67 18.01 -43.99
N TYR F 228 4.68 17.01 -43.12
CA TYR F 228 3.85 15.83 -43.28
C TYR F 228 2.80 15.75 -42.19
N CYS F 229 1.64 15.22 -42.55
CA CYS F 229 0.55 14.96 -41.63
C CYS F 229 0.42 13.47 -41.37
N MET F 230 -0.44 13.11 -40.42
CA MET F 230 -0.52 11.74 -39.94
C MET F 230 -1.87 11.48 -39.29
N GLN F 231 -2.19 10.18 -39.24
CA GLN F 231 -3.37 9.73 -38.57
C GLN F 231 -2.84 8.60 -37.73
N HIS F 232 -3.10 8.59 -36.44
CA HIS F 232 -2.72 7.46 -35.64
C HIS F 232 -3.97 6.76 -35.13
N LEU F 233 -5.13 7.13 -35.68
CA LEU F 233 -6.38 6.50 -35.27
C LEU F 233 -6.43 5.07 -35.75
N GLU F 234 -6.49 4.88 -37.06
CA GLU F 234 -6.48 3.53 -37.61
C GLU F 234 -5.10 2.92 -37.45
N TYR F 235 -5.05 1.60 -37.29
CA TYR F 235 -3.76 0.92 -37.16
C TYR F 235 -2.82 1.04 -38.37
N PRO F 236 -3.37 0.98 -39.61
CA PRO F 236 -2.41 1.19 -40.70
C PRO F 236 -2.19 2.67 -40.87
N LEU F 237 -1.02 3.15 -40.44
CA LEU F 237 -0.73 4.58 -40.51
C LEU F 237 -0.46 5.07 -41.92
N THR F 238 -0.92 6.27 -42.24
CA THR F 238 -0.68 6.85 -43.56
C THR F 238 -0.13 8.27 -43.38
N PHE F 239 0.73 8.70 -44.31
CA PHE F 239 1.30 10.03 -44.23
C PHE F 239 0.94 10.79 -45.47
N GLY F 240 0.89 12.11 -45.37
CA GLY F 240 0.52 12.94 -46.50
C GLY F 240 1.59 13.06 -47.56
N ALA F 241 1.23 13.58 -48.73
CA ALA F 241 2.19 13.76 -49.81
C ALA F 241 3.32 14.73 -49.42
N GLY F 242 2.99 15.81 -48.72
CA GLY F 242 4.01 16.75 -48.29
C GLY F 242 3.70 18.19 -48.66
N THR F 243 4.14 19.13 -47.83
CA THR F 243 3.92 20.55 -48.12
C THR F 243 5.26 21.25 -48.05
N LYS F 244 5.81 21.62 -49.21
CA LYS F 244 7.18 22.13 -49.29
C LYS F 244 7.16 23.64 -49.14
N LEU F 245 7.85 24.15 -48.12
CA LEU F 245 7.94 25.59 -47.87
C LEU F 245 9.27 26.12 -48.39
N GLU F 246 9.37 26.22 -49.72
CA GLU F 246 10.63 26.61 -50.33
C GLU F 246 10.84 28.12 -50.26
N LEU F 247 12.11 28.52 -50.26
CA LEU F 247 12.48 29.93 -50.39
C LEU F 247 13.08 30.19 -51.77
#